data_8K03
#
_entry.id   8K03
#
_cell.length_a   1.00
_cell.length_b   1.00
_cell.length_c   1.00
_cell.angle_alpha   90.00
_cell.angle_beta   90.00
_cell.angle_gamma   90.00
#
_symmetry.space_group_name_H-M   'P 1'
#
_entity_poly.entity_id   1
_entity_poly.type   'polypeptide(L)'
_entity_poly.pdbx_seq_one_letter_code
;MSALHALVQGPATAAAPRLTEPERAVVQRELDELARGGYTGPLLESLRKLAAAVPERLYDDSARVLLRMHEIAGSGNYQS
NLSSLPLVRACFDLGLVPEDGPGPAELIVGRGHIAPAFYAEHYVRGTFPFAPLATLHQGGLTGVVHQDLGFTNTMRYSLG
VGVAQAVSLAWELTRRGEDRKVVCLAGDGELQEGVVFECLRFAHEADLKNLILVVDTNDKGIEPLLKPLSRGYLASYLDR
VEEVDGLDTATVRDSLGALLAAPTSAALVCRTRKGDHSFKPATTAPATAPRPAKVSFANTSGAALAAYRERTGRELAVFT
ADMAARFGLRDKVPYTNTGLAETLSLGLTLSLPEETVKVVATDAMYYMDSLSMLTEATTSVRNLLVLAGRSWGAWGGAHN
ATNLLGQLLHTRVYEPVTAAEFAACLDRLDRHPDTTHVVSTVDAKFDPPPADCAGDVDGGTWLTPPGDGPPRAAVVTFGY
AGVLVAEANRDLGVPHLHCAALEPDLDARTLAQLGACEDLLTVEYNGVHGGFGERLRTTYLLPARVHGVRQDIANRVHDR
QLRLHGMGPEQLDALLRGLTG
;
_entity_poly.pdbx_strand_id   A,B
#
# COMPACT_ATOMS: atom_id res chain seq x y z
N MET A 1 -0.19 -10.88 39.22
CA MET A 1 0.58 -9.65 39.35
C MET A 1 0.29 -8.70 38.20
N SER A 2 0.38 -7.39 38.48
CA SER A 2 -0.02 -6.37 37.52
C SER A 2 1.06 -6.17 36.46
N ALA A 3 0.69 -5.44 35.41
CA ALA A 3 1.56 -5.29 34.25
C ALA A 3 2.76 -4.39 34.55
N LEU A 4 2.51 -3.26 35.24
CA LEU A 4 3.57 -2.27 35.43
C LEU A 4 4.76 -2.84 36.20
N HIS A 5 4.53 -3.82 37.07
CA HIS A 5 5.63 -4.40 37.83
C HIS A 5 6.64 -5.06 36.90
N ALA A 6 6.17 -5.96 36.02
CA ALA A 6 7.06 -6.58 35.05
C ALA A 6 7.55 -5.56 34.04
N LEU A 7 6.76 -4.53 33.76
CA LEU A 7 7.18 -3.46 32.88
C LEU A 7 8.45 -2.79 33.40
N VAL A 8 8.49 -2.47 34.68
CA VAL A 8 9.54 -1.60 35.20
C VAL A 8 10.67 -2.35 35.90
N GLN A 9 10.43 -3.55 36.43
CA GLN A 9 11.42 -4.19 37.30
C GLN A 9 12.72 -4.49 36.56
N GLY A 10 12.64 -5.00 35.34
CA GLY A 10 13.80 -5.51 34.65
C GLY A 10 14.85 -4.46 34.32
N PRO A 11 14.53 -3.56 33.38
CA PRO A 11 15.52 -2.57 32.96
C PRO A 11 16.00 -1.65 34.06
N ALA A 12 15.14 -1.30 35.02
CA ALA A 12 15.55 -0.41 36.10
C ALA A 12 16.69 -1.02 36.91
N THR A 13 16.44 -2.19 37.53
CA THR A 13 17.48 -2.83 38.32
C THR A 13 18.65 -3.28 37.45
N ALA A 14 18.41 -3.55 36.17
CA ALA A 14 19.51 -3.89 35.28
C ALA A 14 20.46 -2.71 35.09
N ALA A 15 19.92 -1.51 34.95
CA ALA A 15 20.72 -0.30 34.83
C ALA A 15 21.14 0.28 36.17
N ALA A 16 20.69 -0.32 37.28
CA ALA A 16 21.10 0.14 38.60
C ALA A 16 22.62 0.20 38.80
N PRO A 17 23.43 -0.76 38.35
CA PRO A 17 24.88 -0.62 38.53
C PRO A 17 25.45 0.67 37.95
N ARG A 18 24.92 1.14 36.82
CA ARG A 18 25.35 2.41 36.24
C ARG A 18 24.33 3.48 36.65
N LEU A 19 24.51 4.00 37.86
CA LEU A 19 23.60 4.99 38.41
C LEU A 19 24.32 5.78 39.50
N THR A 20 23.75 6.92 39.84
CA THR A 20 24.29 7.74 40.93
C THR A 20 23.64 7.35 42.25
N GLU A 21 24.37 7.62 43.33
CA GLU A 21 23.90 7.21 44.66
C GLU A 21 22.55 7.81 45.04
N PRO A 22 22.29 9.11 44.90
CA PRO A 22 20.92 9.59 45.16
C PRO A 22 19.89 8.95 44.27
N GLU A 23 20.20 8.79 42.98
CA GLU A 23 19.25 8.14 42.07
C GLU A 23 19.11 6.66 42.39
N ARG A 24 20.21 6.01 42.78
CA ARG A 24 20.11 4.61 43.19
C ARG A 24 19.20 4.46 44.41
N ALA A 25 19.35 5.34 45.39
CA ALA A 25 18.49 5.29 46.57
C ALA A 25 17.04 5.55 46.20
N VAL A 26 16.80 6.51 45.30
CA VAL A 26 15.43 6.83 44.89
C VAL A 26 14.80 5.63 44.20
N VAL A 27 15.56 4.97 43.32
CA VAL A 27 15.04 3.80 42.60
C VAL A 27 14.77 2.65 43.57
N GLN A 28 15.69 2.43 44.51
CA GLN A 28 15.47 1.39 45.51
C GLN A 28 14.22 1.67 46.33
N ARG A 29 14.01 2.93 46.71
CA ARG A 29 12.81 3.28 47.46
C ARG A 29 11.56 3.04 46.63
N GLU A 30 11.58 3.42 45.34
CA GLU A 30 10.41 3.20 44.50
C GLU A 30 10.10 1.71 44.40
N LEU A 31 11.15 0.90 44.24
CA LEU A 31 10.94 -0.55 44.27
C LEU A 31 10.35 -0.98 45.61
N ASP A 32 10.72 -0.30 46.69
CA ASP A 32 10.17 -0.64 48.00
C ASP A 32 8.66 -0.43 48.03
N GLU A 33 8.19 0.77 47.65
CA GLU A 33 6.74 0.93 47.71
C GLU A 33 6.03 0.12 46.64
N LEU A 34 6.70 -0.18 45.52
CA LEU A 34 6.11 -1.07 44.54
C LEU A 34 5.91 -2.47 45.12
N ALA A 35 6.87 -2.94 45.90
CA ALA A 35 6.75 -4.23 46.57
C ALA A 35 5.81 -4.19 47.75
N ARG A 36 5.48 -3.01 48.28
CA ARG A 36 4.48 -2.93 49.33
C ARG A 36 3.09 -3.36 48.84
N GLY A 37 2.87 -3.38 47.53
CA GLY A 37 1.62 -3.84 46.98
C GLY A 37 0.62 -2.71 46.77
N GLY A 38 -0.45 -3.04 46.06
CA GLY A 38 -1.49 -2.09 45.74
C GLY A 38 -1.36 -1.39 44.41
N TYR A 39 -0.48 -1.85 43.54
CA TYR A 39 -0.24 -1.23 42.24
C TYR A 39 -0.77 -2.16 41.15
N THR A 40 -2.06 -2.01 40.83
CA THR A 40 -2.72 -2.85 39.84
C THR A 40 -3.66 -2.01 38.99
N GLY A 41 -3.99 -2.52 37.82
CA GLY A 41 -4.98 -1.90 36.96
C GLY A 41 -4.39 -1.02 35.89
N PRO A 42 -5.03 0.11 35.63
CA PRO A 42 -4.57 1.01 34.56
C PRO A 42 -3.18 1.55 34.85
N LEU A 43 -2.40 1.73 33.78
CA LEU A 43 -1.00 2.10 33.91
C LEU A 43 -0.83 3.53 34.45
N LEU A 44 -1.35 4.51 33.71
CA LEU A 44 -0.96 5.90 33.93
C LEU A 44 -1.29 6.38 35.33
N GLU A 45 -2.51 6.12 35.81
CA GLU A 45 -2.88 6.62 37.13
C GLU A 45 -2.19 5.84 38.23
N SER A 46 -1.91 4.55 37.99
CA SER A 46 -1.13 3.79 38.95
C SER A 46 0.26 4.39 39.11
N LEU A 47 0.90 4.74 37.99
CA LEU A 47 2.21 5.39 38.07
C LEU A 47 2.11 6.74 38.75
N ARG A 48 1.06 7.51 38.46
CA ARG A 48 0.91 8.82 39.07
C ARG A 48 0.75 8.72 40.58
N LYS A 49 -0.06 7.78 41.05
CA LYS A 49 -0.23 7.61 42.49
C LYS A 49 1.05 7.05 43.13
N LEU A 50 1.77 6.19 42.40
CA LEU A 50 3.04 5.68 42.91
C LEU A 50 4.03 6.81 43.12
N ALA A 51 4.10 7.74 42.16
CA ALA A 51 4.96 8.90 42.32
C ALA A 51 4.45 9.81 43.44
N ALA A 52 3.14 9.98 43.55
CA ALA A 52 2.58 10.80 44.63
C ALA A 52 2.91 10.22 46.00
N ALA A 53 3.12 8.90 46.07
CA ALA A 53 3.50 8.29 47.34
C ALA A 53 4.84 8.83 47.83
N VAL A 54 5.80 9.01 46.92
CA VAL A 54 7.12 9.51 47.28
C VAL A 54 7.25 10.95 46.77
N PRO A 55 7.14 11.95 47.66
CA PRO A 55 7.19 13.34 47.20
C PRO A 55 8.58 13.83 46.82
N GLU A 56 9.60 12.98 46.92
CA GLU A 56 10.96 13.40 46.62
C GLU A 56 11.09 13.87 45.19
N ARG A 57 11.73 15.03 45.00
CA ARG A 57 12.02 15.58 43.69
C ARG A 57 13.52 15.81 43.58
N LEU A 58 14.14 15.21 42.57
CA LEU A 58 15.58 15.34 42.41
C LEU A 58 15.96 16.70 41.82
N TYR A 59 15.48 17.00 40.62
CA TYR A 59 15.85 18.21 39.92
C TYR A 59 14.70 19.20 39.91
N ASP A 60 15.05 20.48 39.76
CA ASP A 60 14.09 21.53 39.46
C ASP A 60 14.09 21.89 37.98
N ASP A 61 14.84 21.16 37.17
CA ASP A 61 14.95 21.40 35.74
C ASP A 61 14.73 20.10 34.99
N SER A 62 14.19 20.21 33.77
CA SER A 62 13.80 19.04 33.00
C SER A 62 14.90 18.53 32.08
N ALA A 63 15.71 19.44 31.52
CA ALA A 63 16.75 19.03 30.59
C ALA A 63 17.71 18.03 31.23
N ARG A 64 18.06 18.25 32.50
CA ARG A 64 19.00 17.36 33.17
C ARG A 64 18.45 15.95 33.30
N VAL A 65 17.19 15.82 33.72
CA VAL A 65 16.63 14.49 33.91
C VAL A 65 16.41 13.81 32.56
N LEU A 66 16.03 14.58 31.54
CA LEU A 66 15.93 14.00 30.19
C LEU A 66 17.28 13.49 29.73
N LEU A 67 18.35 14.25 29.98
CA LEU A 67 19.68 13.80 29.66
C LEU A 67 20.04 12.52 30.40
N ARG A 68 19.67 12.46 31.69
CA ARG A 68 19.90 11.24 32.45
C ARG A 68 19.22 10.04 31.78
N MET A 69 17.96 10.21 31.40
CA MET A 69 17.23 9.16 30.70
C MET A 69 17.97 8.71 29.47
N HIS A 70 18.34 9.65 28.60
CA HIS A 70 18.98 9.29 27.34
C HIS A 70 20.31 8.60 27.56
N GLU A 71 21.12 9.13 28.47
CA GLU A 71 22.45 8.55 28.68
C GLU A 71 22.37 7.16 29.29
N ILE A 72 21.44 6.94 30.21
CA ILE A 72 21.26 5.59 30.75
C ILE A 72 20.77 4.65 29.66
N ALA A 73 19.81 5.10 28.85
CA ALA A 73 19.33 4.26 27.77
C ALA A 73 20.31 4.19 26.61
N GLY A 74 21.05 5.26 26.36
CA GLY A 74 22.04 5.27 25.30
C GLY A 74 21.47 5.04 23.92
N SER A 75 20.34 5.66 23.63
CA SER A 75 19.69 5.56 22.32
C SER A 75 18.62 6.64 22.25
N GLY A 76 17.82 6.63 21.19
CA GLY A 76 16.73 7.57 21.03
C GLY A 76 17.11 8.75 20.16
N ASN A 77 16.32 9.83 20.31
CA ASN A 77 16.59 11.10 19.64
C ASN A 77 16.67 12.18 20.72
N TYR A 78 17.86 12.32 21.30
CA TYR A 78 18.08 13.27 22.38
C TYR A 78 18.09 14.71 21.87
N GLN A 79 18.72 14.95 20.72
CA GLN A 79 18.81 16.30 20.18
C GLN A 79 17.43 16.84 19.82
N SER A 80 16.57 16.01 19.25
CA SER A 80 15.23 16.46 18.87
C SER A 80 14.44 16.90 20.09
N ASN A 81 14.58 16.18 21.21
CA ASN A 81 13.85 16.55 22.41
C ASN A 81 14.45 17.79 23.06
N LEU A 82 15.77 17.95 23.00
CA LEU A 82 16.36 19.23 23.40
C LEU A 82 15.76 20.36 22.60
N SER A 83 15.61 20.16 21.30
CA SER A 83 15.02 21.18 20.43
C SER A 83 13.57 21.46 20.81
N SER A 84 12.80 20.41 21.07
CA SER A 84 11.36 20.52 21.23
C SER A 84 10.91 20.81 22.66
N LEU A 85 11.82 20.81 23.64
CA LEU A 85 11.42 21.02 25.02
C LEU A 85 10.62 22.30 25.26
N PRO A 86 10.96 23.46 24.69
CA PRO A 86 10.12 24.65 24.92
C PRO A 86 8.67 24.47 24.51
N LEU A 87 8.42 23.73 23.42
CA LEU A 87 7.05 23.48 23.00
C LEU A 87 6.25 22.74 24.06
N VAL A 88 6.81 21.64 24.58
CA VAL A 88 6.12 20.87 25.60
C VAL A 88 5.98 21.68 26.88
N ARG A 89 6.99 22.47 27.21
CA ARG A 89 6.90 23.34 28.38
C ARG A 89 5.73 24.31 28.27
N ALA A 90 5.62 24.98 27.12
CA ALA A 90 4.52 25.93 26.91
C ALA A 90 3.18 25.22 26.94
N CYS A 91 3.11 24.03 26.32
CA CYS A 91 1.86 23.28 26.33
C CYS A 91 1.44 22.91 27.74
N PHE A 92 2.39 22.52 28.58
CA PHE A 92 2.07 22.24 29.98
C PHE A 92 1.66 23.49 30.73
N ASP A 93 2.28 24.63 30.40
CA ASP A 93 1.96 25.87 31.10
C ASP A 93 0.51 26.28 30.86
N LEU A 94 0.03 26.13 29.63
CA LEU A 94 -1.33 26.52 29.30
C LEU A 94 -2.38 25.63 29.96
N GLY A 95 -1.97 24.52 30.57
CA GLY A 95 -2.94 23.54 31.03
C GLY A 95 -3.51 22.67 29.94
N LEU A 96 -2.92 22.72 28.74
CA LEU A 96 -3.37 21.84 27.66
C LEU A 96 -3.26 20.37 28.06
N VAL A 97 -2.36 20.05 28.97
CA VAL A 97 -2.29 18.72 29.59
C VAL A 97 -3.11 18.78 30.86
N PRO A 98 -4.29 18.14 30.92
CA PRO A 98 -5.11 18.21 32.12
C PRO A 98 -4.62 17.24 33.19
N GLU A 99 -4.44 17.75 34.40
CA GLU A 99 -4.03 16.89 35.50
C GLU A 99 -5.09 15.85 35.81
N ASP A 100 -6.36 16.27 35.87
CA ASP A 100 -7.48 15.39 36.20
C ASP A 100 -8.68 15.78 35.35
N GLY A 101 -9.21 14.82 34.59
CA GLY A 101 -10.38 15.05 33.79
C GLY A 101 -10.07 15.72 32.46
N PRO A 102 -11.11 16.17 31.76
CA PRO A 102 -10.90 16.84 30.47
C PRO A 102 -10.46 18.29 30.67
N GLY A 103 -9.53 18.73 29.84
CA GLY A 103 -9.01 20.08 29.92
C GLY A 103 -9.82 21.04 29.06
N PRO A 104 -9.32 22.27 28.93
CA PRO A 104 -10.07 23.28 28.15
C PRO A 104 -9.89 23.12 26.65
N ALA A 105 -9.21 22.05 26.23
CA ALA A 105 -9.03 21.77 24.81
C ALA A 105 -8.43 20.37 24.68
N GLU A 106 -8.80 19.70 23.59
CA GLU A 106 -8.18 18.42 23.28
C GLU A 106 -6.82 18.64 22.62
N LEU A 107 -6.02 17.58 22.58
CA LEU A 107 -4.66 17.68 22.07
C LEU A 107 -4.26 16.39 21.36
N ILE A 108 -3.51 16.54 20.28
CA ILE A 108 -3.11 15.45 19.40
C ILE A 108 -1.63 15.59 19.14
N VAL A 109 -0.80 14.87 19.91
CA VAL A 109 0.62 14.85 19.63
C VAL A 109 0.88 13.97 18.41
N GLY A 110 1.49 14.56 17.39
CA GLY A 110 1.60 13.86 16.11
C GLY A 110 2.97 13.26 15.84
N ARG A 111 4.03 13.97 16.19
CA ARG A 111 5.37 13.43 16.02
C ARG A 111 5.56 12.24 16.96
N GLY A 112 6.34 11.26 16.50
CA GLY A 112 6.46 10.02 17.23
C GLY A 112 7.72 9.93 18.07
N HIS A 113 8.57 10.93 18.01
CA HIS A 113 9.82 10.97 18.75
C HIS A 113 9.88 12.15 19.72
N ILE A 114 8.74 12.54 20.27
CA ILE A 114 8.70 13.56 21.32
C ILE A 114 7.95 12.98 22.51
N ALA A 115 8.03 11.67 22.68
CA ALA A 115 7.43 11.04 23.86
C ALA A 115 8.25 11.28 25.13
N PRO A 116 9.58 11.11 25.14
CA PRO A 116 10.31 11.33 26.40
C PRO A 116 10.18 12.74 26.96
N ALA A 117 9.99 13.74 26.11
CA ALA A 117 9.86 15.10 26.60
C ALA A 117 8.68 15.22 27.57
N PHE A 118 7.63 14.44 27.35
CA PHE A 118 6.49 14.45 28.27
C PHE A 118 6.87 13.85 29.61
N TYR A 119 7.58 12.72 29.60
CA TYR A 119 8.11 12.16 30.83
C TYR A 119 8.94 13.18 31.58
N ALA A 120 9.70 13.99 30.84
CA ALA A 120 10.55 14.99 31.46
C ALA A 120 9.73 15.98 32.28
N GLU A 121 8.82 16.69 31.64
CA GLU A 121 8.05 17.71 32.36
C GLU A 121 7.14 17.07 33.42
N HIS A 122 6.81 15.79 33.26
CA HIS A 122 6.03 15.13 34.31
C HIS A 122 6.81 14.95 35.61
N TYR A 123 8.14 14.94 35.55
CA TYR A 123 8.89 14.72 36.78
C TYR A 123 8.90 15.95 37.67
N VAL A 124 8.95 17.14 37.07
CA VAL A 124 8.91 18.37 37.86
C VAL A 124 7.59 18.47 38.61
N ARG A 125 6.49 18.10 37.96
CA ARG A 125 5.17 18.15 38.58
C ARG A 125 5.01 17.10 39.68
N GLY A 126 5.98 16.20 39.84
CA GLY A 126 5.87 15.15 40.84
C GLY A 126 4.76 14.17 40.57
N THR A 127 4.50 13.87 39.30
CA THR A 127 3.46 12.93 38.93
C THR A 127 4.01 11.65 38.30
N PHE A 128 5.29 11.62 37.93
CA PHE A 128 5.91 10.39 37.47
C PHE A 128 7.16 10.08 38.28
N PRO A 129 7.35 8.81 38.65
CA PRO A 129 8.53 8.45 39.45
C PRO A 129 9.80 8.41 38.64
N PHE A 130 10.91 7.96 39.25
CA PHE A 130 12.18 7.86 38.55
C PHE A 130 12.57 6.44 38.15
N ALA A 131 11.91 5.42 38.69
CA ALA A 131 12.24 4.05 38.31
C ALA A 131 11.96 3.77 36.84
N PRO A 132 10.79 4.11 36.28
CA PRO A 132 10.60 3.85 34.84
C PRO A 132 11.50 4.69 33.95
N LEU A 133 11.91 5.87 34.41
CA LEU A 133 12.72 6.75 33.57
C LEU A 133 14.04 6.12 33.18
N ALA A 134 14.61 5.28 34.05
CA ALA A 134 15.81 4.54 33.71
C ALA A 134 15.51 3.29 32.90
N THR A 135 14.31 3.21 32.33
CA THR A 135 13.88 2.08 31.50
C THR A 135 13.47 2.58 30.12
N LEU A 136 14.15 3.59 29.61
CA LEU A 136 13.82 4.13 28.31
C LEU A 136 14.32 3.20 27.21
N HIS A 137 13.47 2.96 26.21
CA HIS A 137 13.79 2.09 25.09
C HIS A 137 14.33 0.75 25.56
N GLN A 138 13.75 0.21 26.63
CA GLN A 138 14.19 -1.08 27.13
C GLN A 138 13.01 -1.93 27.59
N GLY A 139 11.79 -1.59 27.19
CA GLY A 139 10.61 -2.31 27.59
C GLY A 139 9.81 -1.63 28.67
N GLY A 140 10.44 -0.80 29.49
CA GLY A 140 9.71 -0.10 30.53
C GLY A 140 8.80 0.98 29.98
N LEU A 141 9.40 2.06 29.50
CA LEU A 141 8.64 3.12 28.88
C LEU A 141 8.74 2.98 27.36
N THR A 142 8.18 3.94 26.65
CA THR A 142 8.02 3.83 25.22
C THR A 142 8.54 5.10 24.56
N GLY A 143 9.36 4.94 23.51
CA GLY A 143 9.89 6.10 22.81
C GLY A 143 8.87 6.82 21.97
N VAL A 144 7.73 6.20 21.70
CA VAL A 144 6.68 6.82 20.91
C VAL A 144 5.47 7.05 21.80
N VAL A 145 4.64 8.02 21.41
CA VAL A 145 3.43 8.30 22.17
C VAL A 145 2.53 7.06 22.18
N HIS A 146 1.72 6.96 23.23
CA HIS A 146 0.77 5.86 23.33
C HIS A 146 -0.40 6.30 24.19
N GLN A 147 -1.49 5.54 24.09
CA GLN A 147 -2.75 5.93 24.73
C GLN A 147 -2.61 6.01 26.24
N ASP A 148 -2.09 4.96 26.86
CA ASP A 148 -2.22 4.76 28.30
C ASP A 148 -1.19 5.52 29.12
N LEU A 149 -0.56 6.56 28.57
CA LEU A 149 0.40 7.35 29.33
C LEU A 149 0.00 8.82 29.44
N GLY A 150 -1.30 9.10 29.45
CA GLY A 150 -1.79 10.45 29.59
C GLY A 150 -2.02 11.19 28.29
N PHE A 151 -1.84 10.53 27.14
CA PHE A 151 -2.12 11.16 25.86
C PHE A 151 -3.55 10.86 25.43
N THR A 152 -3.91 11.37 24.25
CA THR A 152 -5.15 11.01 23.59
C THR A 152 -4.92 10.37 22.24
N ASN A 153 -3.68 9.97 21.95
CA ASN A 153 -3.31 9.47 20.64
C ASN A 153 -2.95 7.99 20.69
N THR A 154 -2.54 7.48 19.53
CA THR A 154 -1.81 6.24 19.40
C THR A 154 -0.99 6.34 18.14
N MET A 155 0.21 5.77 18.14
CA MET A 155 1.09 5.89 16.99
C MET A 155 1.64 4.53 16.62
N ARG A 156 1.82 4.34 15.32
CA ARG A 156 2.35 3.12 14.74
C ARG A 156 3.68 3.46 14.07
N TYR A 157 4.26 2.48 13.37
CA TYR A 157 5.56 2.67 12.76
C TYR A 157 5.55 3.79 11.74
N SER A 158 4.46 3.90 10.96
CA SER A 158 4.43 4.85 9.85
C SER A 158 4.43 6.29 10.38
N LEU A 159 4.47 7.23 9.43
CA LEU A 159 4.50 8.66 9.72
C LEU A 159 3.30 9.34 9.06
N GLY A 160 3.01 10.55 9.52
CA GLY A 160 1.95 11.36 8.94
C GLY A 160 0.56 11.12 9.49
N VAL A 161 0.41 10.16 10.40
CA VAL A 161 -0.93 9.80 10.86
C VAL A 161 -1.47 10.80 11.87
N GLY A 162 -0.59 11.62 12.47
CA GLY A 162 -1.04 12.54 13.51
C GLY A 162 -2.07 13.54 13.00
N VAL A 163 -1.80 14.13 11.83
CA VAL A 163 -2.75 15.07 11.26
C VAL A 163 -4.05 14.37 10.91
N ALA A 164 -3.97 13.11 10.47
CA ALA A 164 -5.19 12.36 10.18
C ALA A 164 -6.04 12.19 11.43
N GLN A 165 -5.42 11.80 12.54
CA GLN A 165 -6.18 11.64 13.78
C GLN A 165 -6.78 12.96 14.22
N ALA A 166 -5.99 14.05 14.13
CA ALA A 166 -6.50 15.35 14.55
C ALA A 166 -7.68 15.79 13.68
N VAL A 167 -7.62 15.53 12.37
CA VAL A 167 -8.70 15.96 11.49
C VAL A 167 -9.93 15.10 11.71
N SER A 168 -9.74 13.81 12.02
CA SER A 168 -10.89 12.98 12.38
C SER A 168 -11.58 13.52 13.61
N LEU A 169 -10.82 13.85 14.66
CA LEU A 169 -11.42 14.38 15.87
C LEU A 169 -12.09 15.73 15.61
N ALA A 170 -11.46 16.58 14.79
CA ALA A 170 -12.04 17.87 14.47
C ALA A 170 -13.36 17.73 13.72
N TRP A 171 -13.42 16.80 12.76
CA TRP A 171 -14.66 16.57 12.04
C TRP A 171 -15.74 16.05 12.97
N GLU A 172 -15.37 15.15 13.89
CA GLU A 172 -16.32 14.75 14.92
C GLU A 172 -16.86 15.94 15.70
N LEU A 173 -15.96 16.77 16.22
CA LEU A 173 -16.37 17.89 17.06
C LEU A 173 -17.28 18.84 16.31
N THR A 174 -16.98 19.06 15.03
CA THR A 174 -17.86 19.89 14.20
C THR A 174 -19.20 19.23 13.93
N ARG A 175 -19.23 17.90 13.78
CA ARG A 175 -20.49 17.21 13.54
C ARG A 175 -21.44 17.37 14.73
N ARG A 176 -20.97 17.06 15.93
CA ARG A 176 -21.78 17.29 17.11
C ARG A 176 -21.97 18.77 17.39
N GLY A 177 -20.95 19.57 17.11
CA GLY A 177 -21.08 21.01 17.17
C GLY A 177 -20.75 21.67 18.49
N GLU A 178 -19.57 21.45 19.05
CA GLU A 178 -19.19 22.00 20.35
C GLU A 178 -17.94 22.87 20.29
N ASP A 179 -17.65 23.45 19.12
CA ASP A 179 -16.66 24.50 18.89
C ASP A 179 -15.41 24.37 19.77
N ARG A 180 -14.93 23.14 19.92
CA ARG A 180 -13.84 22.82 20.84
C ARG A 180 -12.56 22.62 20.06
N LYS A 181 -11.50 23.31 20.47
CA LYS A 181 -10.28 23.37 19.66
C LYS A 181 -9.44 22.12 19.83
N VAL A 182 -8.92 21.62 18.70
CA VAL A 182 -8.02 20.48 18.66
C VAL A 182 -6.68 20.98 18.14
N VAL A 183 -5.63 20.83 18.95
CA VAL A 183 -4.29 21.31 18.63
C VAL A 183 -3.40 20.09 18.41
N CYS A 184 -2.75 20.03 17.24
CA CYS A 184 -1.97 18.87 16.84
C CYS A 184 -0.54 19.28 16.54
N LEU A 185 0.40 18.42 16.95
CA LEU A 185 1.83 18.66 16.76
C LEU A 185 2.32 17.97 15.49
N ALA A 186 3.10 18.69 14.68
CA ALA A 186 3.53 18.20 13.38
C ALA A 186 5.03 18.42 13.19
N GLY A 187 5.65 17.55 12.39
CA GLY A 187 7.08 17.58 12.16
C GLY A 187 7.44 18.30 10.87
N ASP A 188 8.76 18.38 10.64
CA ASP A 188 9.27 19.12 9.49
C ASP A 188 9.18 18.29 8.20
N GLY A 189 9.83 17.12 8.19
CA GLY A 189 9.86 16.26 7.03
C GLY A 189 8.68 15.34 6.89
N GLU A 190 7.72 15.45 7.81
CA GLU A 190 6.52 14.63 7.78
C GLU A 190 5.41 15.30 6.98
N LEU A 191 5.67 16.47 6.42
CA LEU A 191 4.80 17.09 5.43
C LEU A 191 5.26 16.80 4.01
N GLN A 192 6.46 16.27 3.83
CA GLN A 192 6.91 15.82 2.51
C GLN A 192 6.08 14.66 1.99
N GLU A 193 5.32 14.00 2.86
CA GLU A 193 4.47 12.89 2.45
C GLU A 193 3.24 13.43 1.72
N GLY A 194 2.34 12.52 1.37
CA GLY A 194 1.14 12.88 0.65
C GLY A 194 -0.12 12.77 1.48
N VAL A 195 -0.09 11.91 2.50
CA VAL A 195 -1.27 11.71 3.33
C VAL A 195 -1.67 13.01 4.03
N VAL A 196 -0.68 13.75 4.55
CA VAL A 196 -0.98 14.99 5.23
C VAL A 196 -1.60 15.99 4.26
N PHE A 197 -1.18 15.97 2.99
CA PHE A 197 -1.83 16.80 1.99
C PHE A 197 -3.30 16.44 1.85
N GLU A 198 -3.61 15.14 1.81
CA GLU A 198 -5.00 14.73 1.66
C GLU A 198 -5.83 15.17 2.86
N CYS A 199 -5.29 15.00 4.07
CA CYS A 199 -6.03 15.40 5.26
C CYS A 199 -6.25 16.90 5.31
N LEU A 200 -5.22 17.68 5.00
CA LEU A 200 -5.38 19.14 4.97
C LEU A 200 -6.38 19.56 3.92
N ARG A 201 -6.36 18.91 2.75
CA ARG A 201 -7.31 19.23 1.69
C ARG A 201 -8.73 18.96 2.16
N PHE A 202 -8.96 17.82 2.81
CA PHE A 202 -10.30 17.55 3.31
C PHE A 202 -10.72 18.58 4.36
N ALA A 203 -9.79 18.95 5.25
CA ALA A 203 -10.11 19.96 6.23
C ALA A 203 -10.54 21.26 5.58
N HIS A 204 -9.86 21.63 4.48
CA HIS A 204 -10.20 22.89 3.82
C HIS A 204 -11.52 22.81 3.05
N GLU A 205 -11.79 21.68 2.39
CA GLU A 205 -13.03 21.55 1.64
C GLU A 205 -14.24 21.65 2.55
N ALA A 206 -14.19 20.97 3.70
CA ALA A 206 -15.30 20.98 4.64
C ALA A 206 -15.35 22.26 5.46
N ASP A 207 -14.47 23.23 5.17
CA ASP A 207 -14.44 24.51 5.88
C ASP A 207 -14.32 24.31 7.38
N LEU A 208 -13.42 23.41 7.77
CA LEU A 208 -13.17 23.17 9.18
C LEU A 208 -12.58 24.40 9.84
N LYS A 209 -12.94 24.62 11.11
CA LYS A 209 -12.52 25.80 11.85
C LYS A 209 -11.83 25.49 13.16
N ASN A 210 -11.98 24.29 13.72
CA ASN A 210 -11.44 23.95 15.03
C ASN A 210 -10.19 23.09 14.95
N LEU A 211 -9.33 23.32 13.95
CA LEU A 211 -8.08 22.60 13.79
C LEU A 211 -6.94 23.59 13.94
N ILE A 212 -6.01 23.31 14.85
CA ILE A 212 -4.84 24.14 15.08
C ILE A 212 -3.61 23.27 14.94
N LEU A 213 -2.64 23.73 14.15
CA LEU A 213 -1.40 22.99 13.95
C LEU A 213 -0.23 23.74 14.57
N VAL A 214 0.60 22.99 15.30
CA VAL A 214 1.88 23.47 15.80
C VAL A 214 2.93 22.58 15.16
N VAL A 215 3.60 23.07 14.13
CA VAL A 215 4.57 22.28 13.37
C VAL A 215 5.95 22.86 13.62
N ASP A 216 6.91 21.98 13.89
CA ASP A 216 8.28 22.40 14.16
C ASP A 216 9.15 22.15 12.93
N THR A 217 9.80 23.21 12.46
CA THR A 217 10.63 23.15 11.26
C THR A 217 12.07 23.46 11.66
N ASN A 218 12.85 22.41 11.87
CA ASN A 218 14.27 22.52 12.18
C ASN A 218 15.12 22.60 10.92
N ASP A 219 14.50 22.66 9.74
CA ASP A 219 15.12 22.77 8.43
C ASP A 219 15.91 21.53 8.03
N LYS A 220 15.98 20.52 8.90
CA LYS A 220 16.77 19.32 8.63
C LYS A 220 15.96 18.10 9.06
N GLY A 221 15.73 17.18 8.12
CA GLY A 221 15.17 15.89 8.47
C GLY A 221 16.27 14.95 8.92
N ILE A 222 16.22 13.70 8.46
CA ILE A 222 17.35 12.80 8.67
C ILE A 222 18.57 13.29 7.89
N GLU A 223 18.35 13.86 6.71
CA GLU A 223 19.35 14.51 5.89
C GLU A 223 18.93 15.96 5.66
N PRO A 224 19.89 16.89 5.57
CA PRO A 224 19.54 18.28 5.27
C PRO A 224 18.64 18.41 4.05
N LEU A 225 17.51 19.08 4.24
CA LEU A 225 16.49 19.18 3.20
C LEU A 225 17.00 20.02 2.02
N LEU A 226 16.53 19.68 0.82
CA LEU A 226 16.97 20.39 -0.37
C LEU A 226 16.47 21.83 -0.38
N LYS A 227 15.18 22.01 -0.13
CA LYS A 227 14.57 23.32 -0.02
C LYS A 227 13.68 23.35 1.21
N PRO A 228 13.61 24.48 1.91
CA PRO A 228 12.79 24.56 3.12
C PRO A 228 11.32 24.25 2.84
N LEU A 229 10.57 24.11 3.92
CA LEU A 229 9.16 23.72 3.84
C LEU A 229 8.36 24.73 3.02
N SER A 230 7.49 24.22 2.16
CA SER A 230 6.71 25.05 1.25
C SER A 230 5.67 25.81 2.04
N ARG A 231 5.96 27.10 2.31
CA ARG A 231 5.05 27.90 3.12
C ARG A 231 3.77 28.26 2.36
N GLY A 232 3.86 28.42 1.05
CA GLY A 232 2.65 28.64 0.26
C GLY A 232 1.69 27.47 0.34
N TYR A 233 2.23 26.25 0.37
CA TYR A 233 1.38 25.07 0.51
C TYR A 233 0.64 25.07 1.84
N LEU A 234 1.33 25.44 2.93
CA LEU A 234 0.64 25.56 4.21
C LEU A 234 -0.41 26.65 4.18
N ALA A 235 -0.06 27.81 3.60
CA ALA A 235 -0.97 28.96 3.63
C ALA A 235 -2.23 28.70 2.83
N SER A 236 -2.11 28.05 1.67
CA SER A 236 -3.26 27.88 0.78
C SER A 236 -4.37 27.07 1.44
N TYR A 237 -4.01 25.99 2.14
CA TYR A 237 -5.00 25.04 2.63
C TYR A 237 -5.44 25.31 4.06
N LEU A 238 -4.96 26.39 4.68
CA LEU A 238 -5.39 26.73 6.03
C LEU A 238 -5.60 28.23 6.13
N ASP A 239 -6.43 28.64 7.09
CA ASP A 239 -6.82 30.04 7.19
C ASP A 239 -5.65 30.93 7.58
N ARG A 240 -4.94 30.57 8.64
CA ARG A 240 -3.88 31.41 9.19
C ARG A 240 -2.62 30.60 9.43
N VAL A 241 -1.48 31.26 9.26
CA VAL A 241 -0.17 30.66 9.52
C VAL A 241 0.71 31.69 10.23
N GLU A 242 1.46 31.22 11.22
CA GLU A 242 2.39 32.07 11.96
C GLU A 242 3.65 31.27 12.27
N GLU A 243 4.74 32.00 12.51
CA GLU A 243 6.03 31.37 12.75
C GLU A 243 6.75 32.08 13.88
N VAL A 244 7.21 31.31 14.87
CA VAL A 244 7.95 31.82 16.01
C VAL A 244 9.12 30.89 16.31
N ASP A 245 9.97 31.31 17.24
CA ASP A 245 11.14 30.52 17.62
C ASP A 245 10.73 29.34 18.50
N GLY A 246 11.56 28.30 18.47
CA GLY A 246 11.34 27.12 19.28
C GLY A 246 12.27 27.06 20.48
N LEU A 247 12.74 28.21 20.93
CA LEU A 247 13.62 28.31 22.09
C LEU A 247 13.02 29.11 23.24
N ASP A 248 12.24 30.14 22.95
CA ASP A 248 11.61 30.95 23.99
C ASP A 248 10.22 30.39 24.28
N THR A 249 10.09 29.70 25.42
CA THR A 249 8.81 29.10 25.79
C THR A 249 7.72 30.15 25.93
N ALA A 250 8.08 31.36 26.36
CA ALA A 250 7.08 32.40 26.60
C ALA A 250 6.35 32.78 25.31
N THR A 251 7.08 32.94 24.21
CA THR A 251 6.44 33.32 22.95
C THR A 251 5.46 32.25 22.48
N VAL A 252 5.86 30.98 22.56
CA VAL A 252 4.99 29.89 22.11
C VAL A 252 3.75 29.83 22.99
N ARG A 253 3.94 29.93 24.31
CA ARG A 253 2.80 29.87 25.23
C ARG A 253 1.83 31.01 24.97
N ASP A 254 2.35 32.23 24.80
CA ASP A 254 1.48 33.37 24.53
C ASP A 254 0.75 33.21 23.20
N SER A 255 1.47 32.75 22.17
CA SER A 255 0.85 32.58 20.85
C SER A 255 -0.28 31.57 20.89
N LEU A 256 -0.06 30.43 21.55
CA LEU A 256 -1.11 29.42 21.62
C LEU A 256 -2.25 29.85 22.51
N GLY A 257 -1.96 30.57 23.61
CA GLY A 257 -3.04 31.09 24.43
C GLY A 257 -3.93 32.05 23.68
N ALA A 258 -3.32 32.95 22.90
CA ALA A 258 -4.11 33.85 22.06
C ALA A 258 -4.87 33.08 20.99
N LEU A 259 -4.22 32.07 20.39
CA LEU A 259 -4.83 31.35 19.28
C LEU A 259 -5.95 30.42 19.76
N LEU A 260 -5.85 29.92 21.00
CA LEU A 260 -6.92 29.10 21.54
C LEU A 260 -8.22 29.87 21.70
N ALA A 261 -8.17 31.20 21.67
CA ALA A 261 -9.36 32.03 21.80
C ALA A 261 -10.09 32.21 20.48
N ALA A 262 -9.37 32.59 19.43
CA ALA A 262 -9.99 32.82 18.13
C ALA A 262 -10.50 31.50 17.55
N PRO A 263 -11.79 31.40 17.21
CA PRO A 263 -12.35 30.13 16.72
C PRO A 263 -12.19 29.96 15.21
N THR A 264 -10.95 29.93 14.75
CA THR A 264 -10.65 29.77 13.33
C THR A 264 -9.42 28.86 13.20
N SER A 265 -9.47 27.98 12.20
CA SER A 265 -8.38 27.03 12.01
C SER A 265 -7.10 27.76 11.59
N ALA A 266 -5.97 27.31 12.14
CA ALA A 266 -4.70 27.95 11.86
C ALA A 266 -3.57 26.96 12.13
N ALA A 267 -2.39 27.30 11.63
CA ALA A 267 -1.19 26.49 11.83
C ALA A 267 -0.08 27.36 12.40
N LEU A 268 0.70 26.80 13.32
CA LEU A 268 1.82 27.50 13.94
C LEU A 268 3.12 26.82 13.53
N VAL A 269 4.02 27.61 12.95
CA VAL A 269 5.30 27.10 12.45
C VAL A 269 6.33 27.43 13.53
N CYS A 270 6.55 26.48 14.44
CA CYS A 270 7.51 26.67 15.53
C CYS A 270 8.90 26.41 14.98
N ARG A 271 9.57 27.47 14.52
CA ARG A 271 10.93 27.35 14.01
C ARG A 271 11.86 26.86 15.11
N THR A 272 12.66 25.85 14.80
CA THR A 272 13.53 25.20 15.78
C THR A 272 14.83 24.84 15.07
N ARG A 273 15.81 24.36 15.85
CA ARG A 273 17.08 23.91 15.31
C ARG A 273 17.54 22.65 16.04
N LYS A 274 18.35 21.85 15.35
CA LYS A 274 18.87 20.62 15.92
C LYS A 274 20.08 20.16 15.11
N GLY A 275 20.85 19.25 15.70
CA GLY A 275 22.05 18.72 15.08
C GLY A 275 21.86 17.34 14.49
N ASP A 276 22.72 16.40 14.89
CA ASP A 276 22.59 15.02 14.41
C ASP A 276 21.30 14.39 14.92
N HIS A 277 20.65 13.62 14.06
CA HIS A 277 19.38 12.99 14.40
C HIS A 277 19.54 11.99 15.54
N SER A 278 20.33 10.94 15.31
CA SER A 278 20.50 9.91 16.32
C SER A 278 21.42 10.41 17.42
N PHE A 279 21.75 9.51 18.35
CA PHE A 279 22.55 9.85 19.51
C PHE A 279 23.72 8.89 19.65
N LYS A 280 24.87 9.43 20.05
CA LYS A 280 26.08 8.63 20.29
C LYS A 280 26.57 8.90 21.70
N PRO A 281 26.54 7.92 22.60
CA PRO A 281 27.04 8.15 23.95
C PRO A 281 28.55 8.36 23.96
N ALA A 282 29.03 9.05 24.99
CA ALA A 282 30.46 9.15 25.22
C ALA A 282 30.95 7.81 25.75
N THR A 283 31.79 7.13 24.97
CA THR A 283 32.20 5.77 25.31
C THR A 283 32.97 5.74 26.62
N THR A 284 32.59 4.79 27.49
CA THR A 284 33.32 4.61 28.74
C THR A 284 34.75 4.19 28.49
N ALA A 285 35.00 3.47 27.40
CA ALA A 285 36.36 3.13 27.01
C ALA A 285 37.07 4.39 26.54
N PRO A 286 38.22 4.75 27.14
CA PRO A 286 38.90 5.98 26.75
C PRO A 286 39.59 5.86 25.40
N ALA A 287 40.36 6.88 25.03
CA ALA A 287 41.09 6.88 23.76
C ALA A 287 42.11 5.74 23.77
N THR A 288 41.83 4.69 23.00
CA THR A 288 42.69 3.52 22.92
C THR A 288 43.02 3.25 21.46
N ALA A 289 43.57 2.08 21.16
CA ALA A 289 43.77 1.68 19.78
C ALA A 289 42.44 1.81 19.05
N PRO A 290 42.40 2.48 17.90
CA PRO A 290 41.12 2.90 17.32
C PRO A 290 40.19 1.71 17.08
N ARG A 291 38.94 1.88 17.50
CA ARG A 291 37.97 0.80 17.36
C ARG A 291 37.38 0.79 15.95
N PRO A 292 37.60 -0.28 15.20
CA PRO A 292 36.95 -0.40 13.89
C PRO A 292 35.48 -0.69 14.06
N ALA A 293 34.64 0.19 13.51
CA ALA A 293 33.19 0.02 13.62
C ALA A 293 32.75 -1.30 13.00
N LYS A 294 32.18 -2.18 13.83
CA LYS A 294 31.71 -3.46 13.32
C LYS A 294 30.56 -3.23 12.33
N VAL A 295 30.48 -4.11 11.34
CA VAL A 295 29.73 -3.81 10.12
C VAL A 295 28.37 -4.49 10.19
N SER A 296 27.31 -3.71 10.03
CA SER A 296 25.97 -4.23 9.80
C SER A 296 25.73 -4.28 8.30
N PHE A 297 24.96 -5.27 7.85
CA PHE A 297 24.69 -5.43 6.42
C PHE A 297 24.02 -4.19 5.82
N ALA A 298 23.50 -3.33 6.65
CA ALA A 298 23.06 -2.03 6.18
C ALA A 298 24.22 -1.11 5.89
N ASN A 299 25.45 -1.64 5.85
CA ASN A 299 26.60 -0.81 5.52
C ASN A 299 27.55 -1.50 4.53
N THR A 300 27.20 -2.69 4.03
CA THR A 300 27.94 -3.31 2.94
C THR A 300 27.26 -3.16 1.59
N SER A 301 26.09 -2.51 1.52
CA SER A 301 25.39 -2.39 0.24
C SER A 301 26.16 -1.50 -0.72
N GLY A 302 26.62 -0.33 -0.25
CA GLY A 302 27.32 0.58 -1.14
C GLY A 302 28.56 -0.02 -1.75
N ALA A 303 29.35 -0.72 -0.94
CA ALA A 303 30.57 -1.34 -1.45
C ALA A 303 30.26 -2.40 -2.50
N ALA A 304 29.25 -3.23 -2.25
CA ALA A 304 28.89 -4.27 -3.21
C ALA A 304 28.36 -3.67 -4.50
N LEU A 305 27.57 -2.60 -4.41
CA LEU A 305 27.06 -1.96 -5.62
C LEU A 305 28.19 -1.33 -6.43
N ALA A 306 29.13 -0.68 -5.76
CA ALA A 306 30.28 -0.12 -6.48
C ALA A 306 31.11 -1.23 -7.12
N ALA A 307 31.30 -2.35 -6.41
CA ALA A 307 32.03 -3.47 -6.96
C ALA A 307 31.34 -4.01 -8.20
N TYR A 308 30.01 -4.12 -8.16
CA TYR A 308 29.26 -4.58 -9.33
C TYR A 308 29.41 -3.61 -10.50
N ARG A 309 29.30 -2.31 -10.23
CA ARG A 309 29.37 -1.34 -11.32
C ARG A 309 30.75 -1.38 -11.98
N GLU A 310 31.81 -1.47 -11.19
CA GLU A 310 33.15 -1.57 -11.76
C GLU A 310 33.34 -2.91 -12.47
N ARG A 311 32.81 -3.98 -11.89
CA ARG A 311 33.04 -5.32 -12.43
C ARG A 311 32.36 -5.49 -13.79
N THR A 312 31.16 -4.95 -13.96
CA THR A 312 30.42 -5.13 -15.20
C THR A 312 30.50 -3.92 -16.12
N GLY A 313 30.54 -2.70 -15.57
CA GLY A 313 30.66 -1.51 -16.38
C GLY A 313 29.35 -0.85 -16.75
N ARG A 314 28.23 -1.30 -16.19
CA ARG A 314 26.93 -0.72 -16.51
C ARG A 314 26.80 0.63 -15.82
N GLU A 315 25.61 1.22 -15.91
CA GLU A 315 25.31 2.51 -15.30
C GLU A 315 24.25 2.31 -14.23
N LEU A 316 24.47 2.89 -13.06
CA LEU A 316 23.57 2.75 -11.93
C LEU A 316 22.87 4.06 -11.64
N ALA A 317 21.55 4.01 -11.52
CA ALA A 317 20.76 5.13 -11.01
C ALA A 317 20.22 4.72 -9.65
N VAL A 318 20.46 5.54 -8.64
CA VAL A 318 20.27 5.14 -7.24
C VAL A 318 19.30 6.11 -6.59
N PHE A 319 18.20 5.57 -6.06
CA PHE A 319 17.24 6.34 -5.28
C PHE A 319 16.94 5.56 -4.00
N THR A 320 16.97 6.23 -2.86
CA THR A 320 16.98 5.49 -1.61
C THR A 320 16.04 6.12 -0.57
N ALA A 321 15.04 6.88 -1.01
CA ALA A 321 14.00 7.41 -0.13
C ALA A 321 14.57 8.18 1.05
N ASP A 322 15.71 8.83 0.83
CA ASP A 322 16.36 9.66 1.85
C ASP A 322 16.78 8.84 3.07
N MET A 323 17.49 7.75 2.82
CA MET A 323 18.11 6.95 3.88
C MET A 323 19.49 6.46 3.46
N ALA A 324 20.19 7.24 2.64
CA ALA A 324 21.51 6.84 2.17
C ALA A 324 22.49 6.69 3.33
N ALA A 325 22.47 7.62 4.29
CA ALA A 325 23.32 7.51 5.47
C ALA A 325 23.00 6.28 6.31
N ARG A 326 21.95 5.53 5.95
CA ARG A 326 21.56 4.32 6.64
C ARG A 326 21.91 3.05 5.87
N PHE A 327 22.01 3.12 4.55
CA PHE A 327 22.37 1.97 3.74
C PHE A 327 23.86 1.91 3.43
N GLY A 328 24.65 2.86 3.94
CA GLY A 328 26.06 2.88 3.61
C GLY A 328 26.37 3.28 2.20
N LEU A 329 25.36 3.69 1.42
CA LEU A 329 25.59 4.08 0.04
C LEU A 329 26.49 5.31 -0.07
N ARG A 330 26.62 6.07 1.01
CA ARG A 330 27.45 7.26 0.98
C ARG A 330 28.89 6.91 0.66
N ASP A 331 29.53 7.74 -0.17
CA ASP A 331 30.95 7.65 -0.48
C ASP A 331 31.31 6.43 -1.32
N LYS A 332 30.32 5.62 -1.67
CA LYS A 332 30.57 4.40 -2.44
C LYS A 332 30.05 4.50 -3.87
N VAL A 333 28.81 4.93 -4.04
CA VAL A 333 28.23 5.12 -5.37
C VAL A 333 27.48 6.44 -5.41
N PRO A 334 27.40 7.12 -6.55
CA PRO A 334 26.59 8.33 -6.62
C PRO A 334 25.11 7.99 -6.49
N TYR A 335 24.36 8.94 -5.95
CA TYR A 335 22.92 8.76 -5.77
C TYR A 335 22.25 10.12 -5.74
N THR A 336 20.94 10.10 -5.97
CA THR A 336 20.13 11.32 -5.93
C THR A 336 19.05 11.13 -4.87
N ASN A 337 18.93 12.10 -3.98
CA ASN A 337 18.03 12.01 -2.84
C ASN A 337 16.70 12.68 -3.16
N THR A 338 15.63 12.08 -2.65
CA THR A 338 14.27 12.54 -2.94
C THR A 338 13.51 13.03 -1.72
N GLY A 339 14.01 12.78 -0.51
CA GLY A 339 13.29 13.19 0.68
C GLY A 339 12.25 12.18 1.10
N LEU A 340 11.38 12.61 2.02
CA LEU A 340 10.31 11.74 2.55
C LEU A 340 9.19 11.62 1.53
N ALA A 341 9.49 10.87 0.45
CA ALA A 341 8.52 10.55 -0.59
C ALA A 341 8.81 9.12 -1.04
N GLU A 342 8.16 8.16 -0.39
CA GLU A 342 8.49 6.75 -0.63
C GLU A 342 7.90 6.23 -1.93
N THR A 343 6.69 6.69 -2.29
CA THR A 343 6.13 6.35 -3.60
C THR A 343 6.98 6.94 -4.72
N LEU A 344 7.47 8.16 -4.52
CA LEU A 344 8.25 8.84 -5.54
C LEU A 344 9.53 8.10 -5.88
N SER A 345 10.18 7.50 -4.88
CA SER A 345 11.40 6.75 -5.13
C SER A 345 11.18 5.67 -6.16
N LEU A 346 10.03 4.98 -6.09
CA LEU A 346 9.69 4.00 -7.11
C LEU A 346 9.21 4.65 -8.39
N GLY A 347 8.50 5.77 -8.29
CA GLY A 347 7.95 6.41 -9.47
C GLY A 347 9.00 6.92 -10.43
N LEU A 348 10.14 7.37 -9.90
CA LEU A 348 11.18 7.92 -10.78
C LEU A 348 11.69 6.92 -11.80
N THR A 349 11.57 5.62 -11.51
CA THR A 349 12.27 4.59 -12.28
C THR A 349 11.42 3.94 -13.37
N LEU A 350 10.53 4.70 -14.00
CA LEU A 350 9.75 4.17 -15.12
C LEU A 350 10.26 4.63 -16.48
N SER A 351 10.60 5.91 -16.63
CA SER A 351 10.99 6.41 -17.95
C SER A 351 12.47 6.22 -18.23
N LEU A 352 13.21 5.66 -17.27
CA LEU A 352 14.64 5.44 -17.48
C LEU A 352 14.87 4.44 -18.59
N PRO A 353 16.02 4.53 -19.27
CA PRO A 353 16.28 3.62 -20.39
C PRO A 353 16.31 2.16 -19.95
N GLU A 354 15.94 1.28 -20.87
CA GLU A 354 15.92 -0.14 -20.58
C GLU A 354 17.31 -0.71 -20.36
N GLU A 355 18.35 0.03 -20.73
CA GLU A 355 19.73 -0.44 -20.61
C GLU A 355 20.40 0.00 -19.31
N THR A 356 19.70 0.74 -18.45
CA THR A 356 20.28 1.29 -17.23
C THR A 356 19.72 0.57 -16.01
N VAL A 357 20.61 0.01 -15.19
CA VAL A 357 20.19 -0.71 -14.00
C VAL A 357 19.89 0.29 -12.89
N LYS A 358 18.77 0.08 -12.20
CA LYS A 358 18.26 1.02 -11.22
C LYS A 358 18.05 0.31 -9.89
N VAL A 359 18.23 1.04 -8.80
CA VAL A 359 18.06 0.51 -7.45
C VAL A 359 17.21 1.46 -6.64
N VAL A 360 16.25 0.92 -5.90
CA VAL A 360 15.45 1.66 -4.94
C VAL A 360 15.54 0.96 -3.59
N ALA A 361 15.85 1.71 -2.54
CA ALA A 361 16.17 1.13 -1.25
C ALA A 361 15.54 1.95 -0.13
N THR A 362 15.07 1.25 0.90
CA THR A 362 14.59 1.90 2.12
C THR A 362 14.24 0.82 3.14
N ASP A 363 13.78 1.26 4.31
CA ASP A 363 13.16 0.35 5.25
C ASP A 363 11.90 -0.21 4.64
N ALA A 364 11.74 -1.53 4.71
CA ALA A 364 10.65 -2.19 3.99
C ALA A 364 9.29 -1.70 4.45
N MET A 365 9.16 -1.36 5.74
CA MET A 365 7.88 -0.97 6.33
C MET A 365 7.38 0.38 5.85
N TYR A 366 8.03 1.00 4.88
CA TYR A 366 7.47 2.17 4.22
C TYR A 366 6.76 1.81 2.93
N TYR A 367 7.16 0.70 2.29
CA TYR A 367 6.56 0.29 1.03
C TYR A 367 5.06 0.03 1.16
N MET A 368 4.57 -0.19 2.36
CA MET A 368 3.13 -0.32 2.57
C MET A 368 2.36 0.81 1.90
N ASP A 369 2.98 1.98 1.77
CA ASP A 369 2.22 3.12 1.23
C ASP A 369 2.32 3.27 -0.27
N SER A 370 3.01 2.36 -0.98
CA SER A 370 3.23 2.57 -2.41
C SER A 370 3.09 1.29 -3.22
N LEU A 371 2.49 0.24 -2.66
CA LEU A 371 2.41 -1.04 -3.36
C LEU A 371 1.79 -0.89 -4.74
N SER A 372 0.73 -0.10 -4.86
CA SER A 372 0.10 0.11 -6.16
C SER A 372 1.13 0.58 -7.18
N MET A 373 1.87 1.64 -6.84
CA MET A 373 2.89 2.11 -7.78
C MET A 373 3.87 1.00 -8.09
N LEU A 374 4.26 0.23 -7.07
CA LEU A 374 5.16 -0.90 -7.31
C LEU A 374 4.55 -1.90 -8.28
N THR A 375 3.27 -2.23 -8.11
CA THR A 375 2.69 -3.23 -8.99
C THR A 375 2.44 -2.68 -10.39
N GLU A 376 2.86 -1.45 -10.67
CA GLU A 376 3.00 -1.03 -12.05
C GLU A 376 4.42 -1.26 -12.54
N ALA A 377 5.40 -0.85 -11.74
CA ALA A 377 6.79 -0.85 -12.20
C ALA A 377 7.25 -2.26 -12.56
N THR A 378 6.92 -3.24 -11.72
CA THR A 378 7.36 -4.61 -11.93
C THR A 378 6.82 -5.18 -13.24
N THR A 379 5.92 -4.44 -13.90
CA THR A 379 5.37 -4.87 -15.17
C THR A 379 5.80 -3.99 -16.34
N SER A 380 6.30 -2.78 -16.09
CA SER A 380 6.60 -1.85 -17.18
C SER A 380 8.06 -1.45 -17.24
N VAL A 381 8.90 -1.90 -16.31
CA VAL A 381 10.30 -1.52 -16.27
C VAL A 381 11.14 -2.78 -16.13
N ARG A 382 12.38 -2.71 -16.62
CA ARG A 382 13.34 -3.81 -16.48
C ARG A 382 14.61 -3.28 -15.83
N ASN A 383 15.42 -4.22 -15.34
CA ASN A 383 16.64 -3.91 -14.60
C ASN A 383 16.33 -3.06 -13.35
N LEU A 384 15.54 -3.66 -12.46
CA LEU A 384 15.11 -2.99 -11.23
C LEU A 384 15.56 -3.82 -10.04
N LEU A 385 16.13 -3.16 -9.03
CA LEU A 385 16.58 -3.80 -7.81
C LEU A 385 15.92 -3.10 -6.62
N VAL A 386 15.40 -3.89 -5.68
CA VAL A 386 14.71 -3.38 -4.52
C VAL A 386 15.46 -3.81 -3.26
N LEU A 387 15.76 -2.85 -2.38
CA LEU A 387 16.45 -3.12 -1.13
C LEU A 387 15.52 -2.79 0.03
N ALA A 388 15.19 -3.81 0.82
CA ALA A 388 14.22 -3.72 1.90
C ALA A 388 14.93 -3.99 3.22
N GLY A 389 15.36 -2.92 3.89
CA GLY A 389 16.03 -3.07 5.17
C GLY A 389 15.07 -3.43 6.27
N ARG A 390 15.63 -3.90 7.39
CA ARG A 390 14.86 -4.30 8.55
C ARG A 390 15.44 -3.61 9.78
N SER A 391 14.71 -2.66 10.34
CA SER A 391 15.06 -2.02 11.61
C SER A 391 13.92 -2.27 12.57
N TRP A 392 13.91 -3.44 13.20
CA TRP A 392 12.97 -3.72 14.27
C TRP A 392 13.60 -3.31 15.61
N GLY A 393 14.05 -2.07 15.63
CA GLY A 393 14.70 -1.48 16.78
C GLY A 393 13.72 -0.88 17.75
N ALA A 394 14.15 0.18 18.43
CA ALA A 394 13.36 0.77 19.49
C ALA A 394 12.04 1.35 19.01
N TRP A 395 11.86 1.53 17.70
CA TRP A 395 10.72 2.29 17.21
C TRP A 395 9.52 1.42 16.89
N GLY A 396 9.72 0.25 16.32
CA GLY A 396 8.62 -0.64 16.00
C GLY A 396 8.86 -1.30 14.67
N GLY A 397 7.83 -1.95 14.16
CA GLY A 397 7.94 -2.62 12.88
C GLY A 397 6.64 -3.21 12.39
N ALA A 398 6.45 -3.20 11.08
CA ALA A 398 5.37 -3.94 10.44
C ALA A 398 5.98 -5.24 9.93
N HIS A 399 5.67 -6.33 10.60
CA HIS A 399 6.33 -7.59 10.31
C HIS A 399 5.87 -8.21 9.02
N ASN A 400 5.11 -7.50 8.19
CA ASN A 400 4.55 -8.08 6.97
C ASN A 400 5.16 -7.53 5.70
N ALA A 401 6.05 -6.52 5.80
CA ALA A 401 6.52 -5.82 4.61
C ALA A 401 7.13 -6.76 3.58
N THR A 402 8.02 -7.65 4.02
CA THR A 402 8.62 -8.60 3.08
C THR A 402 7.56 -9.53 2.50
N ASN A 403 6.65 -10.02 3.34
CA ASN A 403 5.64 -10.96 2.86
C ASN A 403 4.73 -10.32 1.82
N LEU A 404 4.41 -9.03 1.97
CA LEU A 404 3.61 -8.37 0.97
C LEU A 404 4.42 -8.04 -0.27
N LEU A 405 5.70 -7.67 -0.11
CA LEU A 405 6.53 -7.39 -1.27
C LEU A 405 6.70 -8.63 -2.13
N GLY A 406 6.71 -9.81 -1.51
CA GLY A 406 6.90 -11.03 -2.25
C GLY A 406 5.65 -11.64 -2.84
N GLN A 407 4.52 -10.94 -2.78
CA GLN A 407 3.27 -11.44 -3.33
C GLN A 407 2.74 -10.58 -4.48
N LEU A 408 3.52 -9.60 -4.93
CA LEU A 408 3.12 -8.81 -6.07
C LEU A 408 3.44 -9.59 -7.35
N LEU A 409 3.34 -8.93 -8.50
CA LEU A 409 3.42 -9.60 -9.79
C LEU A 409 4.84 -9.53 -10.33
N HIS A 410 5.42 -10.70 -10.63
CA HIS A 410 6.74 -10.82 -11.21
C HIS A 410 7.82 -10.24 -10.29
N THR A 411 7.85 -10.73 -9.06
CA THR A 411 8.78 -10.23 -8.05
C THR A 411 9.42 -11.40 -7.32
N ARG A 412 10.72 -11.28 -7.07
CA ARG A 412 11.46 -12.24 -6.26
C ARG A 412 12.04 -11.53 -5.05
N VAL A 413 12.21 -12.27 -3.95
CA VAL A 413 12.66 -11.69 -2.68
C VAL A 413 13.79 -12.54 -2.12
N TYR A 414 14.86 -11.88 -1.64
CA TYR A 414 16.03 -12.56 -1.14
C TYR A 414 16.50 -11.92 0.16
N GLU A 415 17.18 -12.71 0.99
CA GLU A 415 17.80 -12.24 2.24
C GLU A 415 19.23 -12.75 2.32
N PRO A 416 20.16 -12.09 1.64
CA PRO A 416 21.56 -12.52 1.71
C PRO A 416 22.16 -12.23 3.08
N VAL A 417 23.09 -13.09 3.49
CA VAL A 417 23.75 -12.93 4.78
C VAL A 417 25.26 -13.03 4.67
N THR A 418 25.80 -12.75 3.50
CA THR A 418 27.25 -12.77 3.28
C THR A 418 27.58 -11.72 2.23
N ALA A 419 28.79 -11.80 1.68
CA ALA A 419 29.19 -10.95 0.56
C ALA A 419 29.12 -11.66 -0.78
N ALA A 420 29.22 -12.99 -0.79
CA ALA A 420 29.08 -13.74 -2.03
C ALA A 420 27.62 -13.83 -2.46
N GLU A 421 26.71 -14.02 -1.51
CA GLU A 421 25.29 -14.05 -1.83
C GLU A 421 24.84 -12.73 -2.45
N PHE A 422 25.31 -11.61 -1.89
CA PHE A 422 24.94 -10.31 -2.42
C PHE A 422 25.47 -10.13 -3.85
N ALA A 423 26.70 -10.60 -4.09
CA ALA A 423 27.28 -10.50 -5.42
C ALA A 423 26.51 -11.34 -6.43
N ALA A 424 26.11 -12.55 -6.03
CA ALA A 424 25.31 -13.38 -6.93
C ALA A 424 23.95 -12.75 -7.21
N CYS A 425 23.33 -12.13 -6.19
CA CYS A 425 22.07 -11.44 -6.41
C CYS A 425 22.24 -10.26 -7.36
N LEU A 426 23.35 -9.55 -7.26
CA LEU A 426 23.64 -8.51 -8.24
C LEU A 426 23.80 -9.09 -9.63
N ASP A 427 24.51 -10.21 -9.75
CA ASP A 427 24.68 -10.88 -11.03
C ASP A 427 23.35 -11.30 -11.63
N ARG A 428 22.36 -11.59 -10.79
CA ARG A 428 21.07 -12.08 -11.26
C ARG A 428 20.43 -11.15 -12.29
N LEU A 429 20.71 -9.85 -12.22
CA LEU A 429 19.97 -8.94 -13.09
C LEU A 429 20.40 -8.99 -14.53
N ASP A 430 21.19 -9.97 -14.97
CA ASP A 430 21.38 -10.20 -16.39
C ASP A 430 20.78 -11.52 -16.87
N ARG A 431 20.45 -12.44 -15.96
CA ARG A 431 19.81 -13.69 -16.31
C ARG A 431 18.28 -13.61 -16.32
N HIS A 432 17.72 -12.69 -15.53
CA HIS A 432 16.27 -12.50 -15.44
C HIS A 432 15.96 -11.03 -15.69
N PRO A 433 16.15 -10.56 -16.92
CA PRO A 433 16.01 -9.12 -17.18
C PRO A 433 14.59 -8.61 -17.03
N ASP A 434 13.64 -9.49 -16.71
CA ASP A 434 12.24 -9.11 -16.62
C ASP A 434 11.68 -9.12 -15.20
N THR A 435 12.09 -10.08 -14.36
CA THR A 435 11.54 -10.23 -13.02
C THR A 435 12.26 -9.29 -12.07
N THR A 436 11.49 -8.44 -11.38
CA THR A 436 12.08 -7.49 -10.45
C THR A 436 12.58 -8.21 -9.19
N HIS A 437 13.80 -7.88 -8.80
CA HIS A 437 14.46 -8.51 -7.65
C HIS A 437 14.41 -7.60 -6.44
N VAL A 438 14.23 -8.20 -5.26
CA VAL A 438 14.16 -7.50 -3.99
C VAL A 438 15.17 -8.12 -3.05
N VAL A 439 15.92 -7.27 -2.35
CA VAL A 439 16.95 -7.70 -1.40
C VAL A 439 16.58 -7.19 -0.01
N SER A 440 16.63 -8.07 0.98
CA SER A 440 16.30 -7.74 2.36
C SER A 440 17.57 -7.78 3.19
N THR A 441 18.07 -6.60 3.58
CA THR A 441 19.32 -6.47 4.30
C THR A 441 19.05 -6.19 5.78
N VAL A 442 19.60 -7.03 6.64
CA VAL A 442 19.35 -6.96 8.09
C VAL A 442 20.16 -5.81 8.68
N ASP A 443 19.84 -5.40 9.90
CA ASP A 443 20.61 -4.44 10.67
C ASP A 443 21.58 -5.10 11.63
N ALA A 444 21.63 -6.44 11.67
CA ALA A 444 22.32 -7.13 12.75
C ALA A 444 23.82 -6.89 12.70
N LYS A 445 24.44 -7.02 13.85
CA LYS A 445 25.89 -6.91 14.01
C LYS A 445 26.41 -8.31 14.29
N PHE A 446 27.10 -8.91 13.33
CA PHE A 446 27.48 -10.31 13.51
C PHE A 446 28.66 -10.65 12.61
N ASP A 447 29.39 -11.68 13.01
CA ASP A 447 30.48 -12.19 12.21
C ASP A 447 29.92 -13.00 11.04
N PRO A 448 30.57 -12.95 9.87
CA PRO A 448 30.06 -13.69 8.70
C PRO A 448 29.98 -15.18 8.98
N PRO A 449 28.92 -15.83 8.51
CA PRO A 449 28.82 -17.28 8.64
C PRO A 449 29.88 -17.97 7.78
N PRO A 450 30.28 -19.19 8.13
CA PRO A 450 31.34 -19.87 7.37
C PRO A 450 30.99 -20.06 5.90
N ALA A 451 29.89 -20.74 5.62
CA ALA A 451 29.47 -21.04 4.26
C ALA A 451 28.14 -20.37 3.97
N ASP A 452 27.85 -20.23 2.67
CA ASP A 452 26.63 -19.57 2.22
C ASP A 452 26.20 -20.19 0.90
N CYS A 453 25.21 -19.56 0.27
CA CYS A 453 24.80 -19.92 -1.09
C CYS A 453 25.60 -19.04 -2.04
N ALA A 454 26.71 -19.59 -2.55
CA ALA A 454 27.65 -18.78 -3.31
C ALA A 454 27.05 -18.34 -4.64
N GLY A 455 26.71 -19.29 -5.51
CA GLY A 455 26.21 -18.96 -6.83
C GLY A 455 24.80 -19.45 -7.09
N ASP A 456 24.42 -20.53 -6.43
CA ASP A 456 23.07 -21.10 -6.58
C ASP A 456 22.20 -20.55 -5.45
N VAL A 457 21.91 -19.26 -5.53
CA VAL A 457 21.19 -18.58 -4.47
C VAL A 457 19.80 -19.19 -4.28
N ASP A 458 19.11 -19.49 -5.37
CA ASP A 458 17.75 -20.01 -5.29
C ASP A 458 17.69 -21.47 -4.86
N GLY A 459 18.81 -22.04 -4.41
CA GLY A 459 18.83 -23.39 -3.90
C GLY A 459 19.02 -23.43 -2.39
N GLY A 460 19.32 -24.62 -1.89
CA GLY A 460 19.53 -24.86 -0.48
C GLY A 460 20.97 -25.25 -0.19
N THR A 461 21.56 -24.58 0.79
CA THR A 461 22.94 -24.84 1.20
C THR A 461 22.95 -25.41 2.59
N TRP A 462 23.53 -26.60 2.75
CA TRP A 462 23.68 -27.18 4.07
C TRP A 462 24.75 -26.42 4.85
N LEU A 463 24.37 -25.88 6.02
CA LEU A 463 25.36 -25.30 6.91
C LEU A 463 25.85 -26.32 7.94
N THR A 464 25.05 -27.33 8.24
CA THR A 464 25.48 -28.51 8.96
C THR A 464 24.86 -29.70 8.24
N PRO A 465 25.61 -30.38 7.37
CA PRO A 465 25.03 -31.44 6.55
C PRO A 465 24.44 -32.54 7.40
N PRO A 466 23.30 -33.09 7.02
CA PRO A 466 22.67 -34.14 7.82
C PRO A 466 23.51 -35.41 7.82
N GLY A 467 23.45 -36.12 8.95
CA GLY A 467 24.18 -37.36 9.09
C GLY A 467 23.51 -38.49 8.32
N ASP A 468 24.17 -39.64 8.35
CA ASP A 468 23.67 -40.82 7.66
C ASP A 468 22.69 -41.58 8.55
N GLY A 469 21.94 -42.49 7.92
CA GLY A 469 20.92 -43.24 8.63
C GLY A 469 19.56 -42.60 8.50
N PRO A 470 18.61 -43.03 9.31
CA PRO A 470 17.27 -42.43 9.26
C PRO A 470 17.27 -41.05 9.89
N PRO A 471 17.01 -40.01 9.09
CA PRO A 471 16.98 -38.65 9.65
C PRO A 471 15.80 -38.47 10.58
N ARG A 472 16.08 -38.20 11.86
CA ARG A 472 15.00 -38.08 12.83
C ARG A 472 14.42 -36.67 12.85
N ALA A 473 15.26 -35.65 12.68
CA ALA A 473 14.81 -34.26 12.74
C ALA A 473 15.72 -33.39 11.91
N ALA A 474 15.21 -32.21 11.56
CA ALA A 474 15.98 -31.22 10.80
C ALA A 474 15.36 -29.86 11.05
N VAL A 475 16.13 -28.83 10.73
CA VAL A 475 15.69 -27.44 10.88
C VAL A 475 15.97 -26.72 9.57
N VAL A 476 14.99 -25.94 9.11
CA VAL A 476 15.10 -25.15 7.90
C VAL A 476 15.02 -23.68 8.27
N THR A 477 15.96 -22.88 7.78
CA THR A 477 16.07 -21.49 8.20
C THR A 477 16.06 -20.58 6.98
N PHE A 478 16.05 -19.28 7.23
CA PHE A 478 15.87 -18.26 6.20
C PHE A 478 16.63 -16.98 6.56
N GLY A 479 17.81 -16.80 5.97
CA GLY A 479 18.49 -15.53 6.06
C GLY A 479 19.18 -15.28 7.38
N TYR A 480 18.80 -14.19 8.06
CA TYR A 480 19.49 -13.80 9.29
C TYR A 480 19.38 -14.89 10.33
N ALA A 481 18.21 -15.51 10.45
CA ALA A 481 18.05 -16.61 11.40
C ALA A 481 19.07 -17.71 11.17
N GLY A 482 19.43 -17.94 9.91
CA GLY A 482 20.47 -18.93 9.62
C GLY A 482 21.77 -18.62 10.34
N VAL A 483 22.17 -17.35 10.36
CA VAL A 483 23.29 -16.95 11.21
C VAL A 483 22.96 -17.21 12.66
N LEU A 484 21.80 -16.73 13.11
CA LEU A 484 21.48 -16.75 14.53
C LEU A 484 21.38 -18.17 15.05
N VAL A 485 20.78 -19.07 14.27
CA VAL A 485 20.73 -20.47 14.68
C VAL A 485 22.11 -21.09 14.63
N ALA A 486 22.95 -20.68 13.67
CA ALA A 486 24.27 -21.28 13.53
C ALA A 486 25.09 -21.16 14.81
N GLU A 487 25.13 -19.95 15.38
CA GLU A 487 25.88 -19.74 16.62
C GLU A 487 25.33 -20.58 17.76
N ALA A 488 24.05 -20.95 17.70
CA ALA A 488 23.45 -21.80 18.72
C ALA A 488 23.46 -23.28 18.34
N ASN A 489 24.04 -23.64 17.20
CA ASN A 489 24.08 -25.03 16.77
C ASN A 489 25.48 -25.62 16.76
N ARG A 490 26.52 -24.80 16.98
CA ARG A 490 27.88 -25.32 16.94
C ARG A 490 28.11 -26.41 17.96
N ASP A 491 27.31 -26.44 19.02
CA ASP A 491 27.42 -27.51 20.01
C ASP A 491 26.63 -28.76 19.60
N LEU A 492 25.33 -28.60 19.30
CA LEU A 492 24.51 -29.76 18.95
C LEU A 492 24.82 -30.26 17.54
N GLY A 493 25.03 -29.36 16.59
CA GLY A 493 25.21 -29.76 15.21
C GLY A 493 23.98 -30.34 14.56
N VAL A 494 22.82 -29.77 14.84
CA VAL A 494 21.56 -30.24 14.24
C VAL A 494 21.61 -29.99 12.74
N PRO A 495 21.17 -30.95 11.89
CA PRO A 495 21.17 -30.72 10.44
C PRO A 495 20.45 -29.44 10.08
N HIS A 496 21.19 -28.48 9.53
CA HIS A 496 20.68 -27.13 9.32
C HIS A 496 20.84 -26.73 7.87
N LEU A 497 19.77 -26.21 7.28
CA LEU A 497 19.70 -25.89 5.86
C LEU A 497 19.39 -24.41 5.73
N HIS A 498 20.18 -23.70 4.93
CA HIS A 498 19.95 -22.29 4.70
C HIS A 498 19.47 -22.06 3.28
N CYS A 499 18.66 -21.02 3.11
CA CYS A 499 18.09 -20.68 1.81
C CYS A 499 17.90 -19.18 1.75
N ALA A 500 18.55 -18.54 0.78
CA ALA A 500 18.53 -17.09 0.64
C ALA A 500 17.40 -16.61 -0.25
N ALA A 501 16.31 -17.37 -0.35
CA ALA A 501 15.21 -17.05 -1.25
C ALA A 501 13.89 -17.26 -0.53
N LEU A 502 13.07 -16.21 -0.46
CA LEU A 502 11.75 -16.32 0.16
C LEU A 502 10.88 -17.35 -0.54
N GLU A 503 11.16 -17.64 -1.80
CA GLU A 503 10.44 -18.64 -2.58
C GLU A 503 11.47 -19.59 -3.19
N PRO A 504 12.10 -20.42 -2.37
CA PRO A 504 13.24 -21.20 -2.86
C PRO A 504 12.80 -22.28 -3.83
N ASP A 505 13.70 -22.61 -4.75
CA ASP A 505 13.50 -23.71 -5.69
C ASP A 505 14.29 -24.91 -5.20
N LEU A 506 13.75 -25.57 -4.17
CA LEU A 506 14.40 -26.76 -3.66
C LEU A 506 14.22 -27.92 -4.63
N ASP A 507 15.26 -28.73 -4.77
CA ASP A 507 15.30 -29.76 -5.80
C ASP A 507 14.96 -31.12 -5.21
N ALA A 508 15.12 -32.16 -6.03
CA ALA A 508 14.60 -33.48 -5.69
C ALA A 508 15.34 -34.12 -4.53
N ARG A 509 16.68 -34.10 -4.57
CA ARG A 509 17.46 -34.75 -3.51
C ARG A 509 17.23 -34.06 -2.16
N THR A 510 17.24 -32.72 -2.15
CA THR A 510 17.08 -31.98 -0.91
C THR A 510 15.72 -32.27 -0.28
N LEU A 511 14.65 -32.13 -1.06
CA LEU A 511 13.31 -32.39 -0.55
C LEU A 511 13.16 -33.85 -0.13
N ALA A 512 13.73 -34.77 -0.91
CA ALA A 512 13.60 -36.19 -0.59
C ALA A 512 14.24 -36.50 0.75
N GLN A 513 15.45 -36.01 0.99
CA GLN A 513 16.09 -36.25 2.28
C GLN A 513 15.46 -35.43 3.40
N LEU A 514 14.75 -34.34 3.06
CA LEU A 514 14.05 -33.57 4.07
C LEU A 514 12.76 -34.24 4.53
N GLY A 515 12.08 -34.96 3.62
CA GLY A 515 10.79 -35.52 3.94
C GLY A 515 10.84 -36.73 4.85
N ALA A 516 11.93 -37.50 4.79
CA ALA A 516 12.06 -38.68 5.65
C ALA A 516 12.19 -38.30 7.11
N CYS A 517 12.45 -37.04 7.43
CA CYS A 517 12.52 -36.61 8.82
C CYS A 517 11.14 -36.69 9.46
N GLU A 518 11.13 -37.10 10.74
CA GLU A 518 9.87 -37.25 11.45
C GLU A 518 9.27 -35.92 11.86
N ASP A 519 10.12 -34.92 12.17
CA ASP A 519 9.64 -33.60 12.53
C ASP A 519 10.49 -32.55 11.84
N LEU A 520 9.85 -31.50 11.36
CA LEU A 520 10.50 -30.39 10.68
C LEU A 520 10.14 -29.09 11.38
N LEU A 521 11.11 -28.21 11.53
CA LEU A 521 10.88 -26.89 12.10
C LEU A 521 11.44 -25.83 11.16
N THR A 522 10.75 -24.68 11.11
CA THR A 522 11.23 -23.52 10.41
C THR A 522 11.53 -22.42 11.41
N VAL A 523 12.64 -21.72 11.21
CA VAL A 523 13.03 -20.61 12.08
C VAL A 523 13.27 -19.42 11.16
N GLU A 524 12.23 -18.60 10.98
CA GLU A 524 12.27 -17.45 10.11
C GLU A 524 12.16 -16.19 10.94
N TYR A 525 13.00 -15.19 10.62
CA TYR A 525 12.97 -13.92 11.32
C TYR A 525 12.16 -12.88 10.57
N ASN A 526 11.11 -13.30 9.89
CA ASN A 526 10.17 -12.42 9.21
C ASN A 526 8.76 -12.73 9.70
N GLY A 527 7.77 -12.13 9.05
CA GLY A 527 6.39 -12.33 9.46
C GLY A 527 5.92 -13.73 9.14
N VAL A 528 5.24 -14.35 10.11
CA VAL A 528 4.72 -15.69 9.90
C VAL A 528 3.62 -15.71 8.84
N HIS A 529 2.73 -14.73 8.86
CA HIS A 529 1.67 -14.68 7.84
C HIS A 529 2.28 -14.49 6.47
N GLY A 530 2.00 -15.40 5.55
CA GLY A 530 2.58 -15.32 4.23
C GLY A 530 4.09 -15.37 4.22
N GLY A 531 4.68 -16.31 4.98
CA GLY A 531 6.11 -16.34 5.13
C GLY A 531 6.76 -17.68 4.83
N PHE A 532 8.08 -17.74 5.02
CA PHE A 532 8.88 -18.84 4.51
C PHE A 532 8.31 -20.21 4.91
N GLY A 533 7.93 -20.35 6.18
CA GLY A 533 7.45 -21.65 6.65
C GLY A 533 6.20 -22.10 5.93
N GLU A 534 5.17 -21.24 5.91
CA GLU A 534 3.92 -21.65 5.27
C GLU A 534 4.01 -21.63 3.75
N ARG A 535 4.91 -20.84 3.16
CA ARG A 535 5.14 -20.98 1.73
C ARG A 535 5.73 -22.34 1.40
N LEU A 536 6.67 -22.82 2.22
CA LEU A 536 7.14 -24.19 2.05
C LEU A 536 6.01 -25.18 2.24
N ARG A 537 5.16 -24.95 3.25
CA ARG A 537 4.05 -25.85 3.50
C ARG A 537 3.13 -25.96 2.29
N THR A 538 2.77 -24.82 1.69
CA THR A 538 1.82 -24.83 0.58
C THR A 538 2.46 -25.30 -0.72
N THR A 539 3.74 -25.00 -0.95
CA THR A 539 4.35 -25.42 -2.21
C THR A 539 4.72 -26.90 -2.20
N TYR A 540 5.21 -27.41 -1.07
CA TYR A 540 5.78 -28.75 -1.05
C TYR A 540 5.08 -29.72 -0.11
N LEU A 541 4.02 -29.29 0.57
CA LEU A 541 3.24 -30.17 1.46
C LEU A 541 4.13 -30.77 2.55
N LEU A 542 4.69 -29.89 3.36
CA LEU A 542 5.64 -30.27 4.39
C LEU A 542 5.01 -30.17 5.77
N PRO A 543 4.84 -31.27 6.48
CA PRO A 543 4.30 -31.19 7.84
C PRO A 543 5.31 -30.57 8.80
N ALA A 544 5.47 -29.25 8.74
CA ALA A 544 6.53 -28.55 9.46
C ALA A 544 5.95 -27.50 10.40
N ARG A 545 6.50 -27.44 11.60
CA ARG A 545 6.16 -26.37 12.53
C ARG A 545 6.81 -25.07 12.10
N VAL A 546 6.16 -23.96 12.45
CA VAL A 546 6.66 -22.62 12.16
C VAL A 546 6.82 -21.88 13.47
N HIS A 547 7.95 -21.18 13.62
CA HIS A 547 8.20 -20.33 14.79
C HIS A 547 8.90 -19.07 14.29
N GLY A 548 8.12 -18.05 13.97
CA GLY A 548 8.66 -16.78 13.53
C GLY A 548 8.11 -15.62 14.32
N VAL A 549 8.11 -14.43 13.74
CA VAL A 549 7.52 -13.27 14.41
C VAL A 549 6.01 -13.48 14.42
N ARG A 550 5.45 -13.80 15.59
CA ARG A 550 4.04 -14.12 15.68
C ARG A 550 3.19 -12.88 15.92
N GLN A 551 3.42 -12.19 17.02
CA GLN A 551 2.63 -11.03 17.38
C GLN A 551 3.20 -9.78 16.70
N ASP A 552 2.74 -8.61 17.12
CA ASP A 552 3.22 -7.38 16.54
C ASP A 552 4.59 -7.02 17.10
N ILE A 553 5.26 -6.08 16.44
CA ILE A 553 6.60 -5.66 16.82
C ILE A 553 6.50 -4.63 17.93
N ALA A 554 7.11 -4.93 19.07
CA ALA A 554 7.14 -4.02 20.20
C ALA A 554 8.25 -2.98 20.00
N ASN A 555 8.38 -2.08 20.95
CA ASN A 555 9.34 -0.97 20.87
C ASN A 555 10.43 -1.18 21.92
N ARG A 556 11.43 -1.95 21.56
CA ARG A 556 12.57 -2.23 22.42
C ARG A 556 13.83 -2.20 21.57
N VAL A 557 14.99 -2.20 22.23
CA VAL A 557 16.25 -2.31 21.50
C VAL A 557 16.41 -3.75 21.06
N HIS A 558 17.36 -3.99 20.15
CA HIS A 558 17.37 -5.24 19.39
C HIS A 558 17.54 -6.45 20.29
N ASP A 559 18.38 -6.34 21.33
CA ASP A 559 18.65 -7.50 22.17
C ASP A 559 17.41 -7.95 22.93
N ARG A 560 16.78 -7.01 23.63
CA ARG A 560 15.57 -7.35 24.38
C ARG A 560 14.46 -7.81 23.44
N GLN A 561 14.42 -7.27 22.22
CA GLN A 561 13.43 -7.71 21.24
C GLN A 561 13.69 -9.14 20.79
N LEU A 562 14.94 -9.49 20.53
CA LEU A 562 15.26 -10.89 20.25
C LEU A 562 14.83 -11.78 21.40
N ARG A 563 14.98 -11.29 22.63
CA ARG A 563 14.49 -12.05 23.78
C ARG A 563 12.96 -12.18 23.72
N LEU A 564 12.28 -11.16 23.22
CA LEU A 564 10.82 -11.12 23.31
C LEU A 564 10.16 -12.13 22.39
N HIS A 565 10.56 -12.19 21.12
CA HIS A 565 9.89 -13.07 20.16
C HIS A 565 10.30 -14.50 20.29
N GLY A 566 10.96 -14.89 21.38
CA GLY A 566 11.52 -16.23 21.43
C GLY A 566 12.62 -16.42 20.41
N MET A 567 13.46 -15.40 20.22
CA MET A 567 14.53 -15.43 19.23
C MET A 567 15.88 -15.15 19.87
N GLY A 568 15.98 -15.27 21.18
CA GLY A 568 17.23 -15.04 21.88
C GLY A 568 18.05 -16.31 21.93
N PRO A 569 19.37 -16.16 22.11
CA PRO A 569 20.24 -17.34 22.08
C PRO A 569 19.84 -18.42 23.08
N GLU A 570 19.41 -18.02 24.28
CA GLU A 570 18.99 -18.99 25.28
C GLU A 570 17.72 -19.72 24.83
N GLN A 571 16.70 -18.97 24.42
CA GLN A 571 15.45 -19.59 24.01
C GLN A 571 15.60 -20.37 22.70
N LEU A 572 16.40 -19.86 21.76
CA LEU A 572 16.70 -20.61 20.55
C LEU A 572 17.42 -21.91 20.88
N ASP A 573 18.38 -21.87 21.79
CA ASP A 573 19.04 -23.10 22.19
C ASP A 573 18.06 -24.06 22.85
N ALA A 574 17.15 -23.54 23.67
CA ALA A 574 16.15 -24.39 24.30
C ALA A 574 15.27 -25.06 23.25
N LEU A 575 14.88 -24.31 22.22
CA LEU A 575 14.12 -24.87 21.11
C LEU A 575 14.92 -25.94 20.38
N LEU A 576 16.22 -25.71 20.21
CA LEU A 576 17.06 -26.70 19.54
C LEU A 576 17.14 -27.99 20.35
N ARG A 577 17.30 -27.89 21.66
CA ARG A 577 17.23 -29.10 22.48
C ARG A 577 15.85 -29.76 22.38
N GLY A 578 14.79 -28.95 22.30
CA GLY A 578 13.47 -29.52 22.09
C GLY A 578 13.39 -30.33 20.82
N LEU A 579 14.06 -29.86 19.78
CA LEU A 579 14.22 -30.68 18.57
C LEU A 579 15.01 -31.95 18.85
N THR A 580 16.09 -31.84 19.62
CA THR A 580 16.90 -33.01 19.92
C THR A 580 16.21 -33.97 20.89
N GLY A 581 15.11 -33.57 21.50
CA GLY A 581 14.40 -34.42 22.44
C GLY A 581 13.78 -35.63 21.77
N MET B 1 0.46 -18.02 -36.50
CA MET B 1 -0.32 -16.84 -36.86
C MET B 1 -0.06 -15.69 -35.90
N SER B 2 -0.18 -14.46 -36.41
CA SER B 2 0.19 -13.27 -35.67
C SER B 2 -0.89 -12.90 -34.66
N ALA B 3 -0.53 -11.97 -33.76
CA ALA B 3 -1.41 -11.63 -32.65
C ALA B 3 -2.61 -10.82 -33.12
N LEU B 4 -2.40 -9.83 -34.01
CA LEU B 4 -3.46 -8.91 -34.37
C LEU B 4 -4.64 -9.64 -35.02
N HIS B 5 -4.39 -10.76 -35.69
CA HIS B 5 -5.48 -11.50 -36.32
C HIS B 5 -6.48 -11.99 -35.29
N ALA B 6 -5.99 -12.70 -34.27
CA ALA B 6 -6.87 -13.14 -33.19
C ALA B 6 -7.39 -11.97 -32.38
N LEU B 7 -6.62 -10.89 -32.31
CA LEU B 7 -7.06 -9.67 -31.64
C LEU B 7 -8.34 -9.14 -32.27
N VAL B 8 -8.39 -9.07 -33.59
CA VAL B 8 -9.44 -8.33 -34.26
C VAL B 8 -10.57 -9.21 -34.82
N GLN B 9 -10.30 -10.49 -35.10
CA GLN B 9 -11.27 -11.30 -35.84
C GLN B 9 -12.57 -11.48 -35.05
N GLY B 10 -12.48 -11.75 -33.76
CA GLY B 10 -13.64 -12.14 -32.99
C GLY B 10 -14.70 -11.07 -32.85
N PRO B 11 -14.40 -10.01 -32.10
CA PRO B 11 -15.42 -8.97 -31.86
C PRO B 11 -15.91 -8.28 -33.13
N ALA B 12 -15.05 -8.11 -34.13
CA ALA B 12 -15.47 -7.44 -35.37
C ALA B 12 -16.60 -8.21 -36.04
N THR B 13 -16.34 -9.47 -36.43
CA THR B 13 -17.37 -10.26 -37.09
C THR B 13 -18.53 -10.57 -36.15
N ALA B 14 -18.28 -10.59 -34.84
CA ALA B 14 -19.38 -10.78 -33.89
C ALA B 14 -20.34 -9.60 -33.93
N ALA B 15 -19.82 -8.38 -34.02
CA ALA B 15 -20.65 -7.19 -34.12
C ALA B 15 -21.08 -6.88 -35.55
N ALA B 16 -20.62 -7.67 -36.52
CA ALA B 16 -21.04 -7.47 -37.90
C ALA B 16 -22.54 -7.48 -38.12
N PRO B 17 -23.34 -8.35 -37.49
CA PRO B 17 -24.80 -8.27 -37.69
C PRO B 17 -25.39 -6.91 -37.35
N ARG B 18 -24.88 -6.23 -36.34
CA ARG B 18 -25.32 -4.87 -36.01
C ARG B 18 -24.32 -3.89 -36.61
N LEU B 19 -24.51 -3.60 -37.89
CA LEU B 19 -23.61 -2.71 -38.62
C LEU B 19 -24.35 -2.16 -39.84
N THR B 20 -23.81 -1.09 -40.40
CA THR B 20 -24.36 -0.50 -41.60
C THR B 20 -23.70 -1.11 -42.84
N GLU B 21 -24.42 -1.06 -43.96
CA GLU B 21 -23.95 -1.71 -45.18
C GLU B 21 -22.61 -1.17 -45.67
N PRO B 22 -22.38 0.14 -45.77
CA PRO B 22 -21.02 0.59 -46.13
C PRO B 22 -19.97 0.14 -45.13
N GLU B 23 -20.27 0.22 -43.83
CA GLU B 23 -19.33 -0.23 -42.82
C GLU B 23 -19.16 -1.73 -42.85
N ARG B 24 -20.24 -2.47 -43.11
CA ARG B 24 -20.11 -3.92 -43.27
C ARG B 24 -19.20 -4.27 -44.42
N ALA B 25 -19.36 -3.60 -45.56
CA ALA B 25 -18.50 -3.85 -46.71
C ALA B 25 -17.05 -3.50 -46.40
N VAL B 26 -16.84 -2.38 -45.70
CA VAL B 26 -15.49 -1.97 -45.35
C VAL B 26 -14.83 -3.01 -44.44
N VAL B 27 -15.57 -3.51 -43.45
CA VAL B 27 -15.04 -4.51 -42.54
C VAL B 27 -14.75 -5.81 -43.27
N GLN B 28 -15.66 -6.22 -44.16
CA GLN B 28 -15.41 -7.43 -44.94
C GLN B 28 -14.17 -7.28 -45.80
N ARG B 29 -13.99 -6.11 -46.41
CA ARG B 29 -12.79 -5.88 -47.21
C ARG B 29 -11.52 -5.94 -46.36
N GLU B 30 -11.56 -5.33 -45.17
CA GLU B 30 -10.39 -5.36 -44.29
C GLU B 30 -10.06 -6.80 -43.91
N LEU B 31 -11.08 -7.60 -43.60
CA LEU B 31 -10.85 -9.02 -43.37
C LEU B 31 -10.25 -9.68 -44.60
N ASP B 32 -10.64 -9.22 -45.79
CA ASP B 32 -10.07 -9.79 -47.01
C ASP B 32 -8.57 -9.56 -47.09
N GLU B 33 -8.12 -8.30 -46.93
CA GLU B 33 -6.66 -8.13 -47.03
C GLU B 33 -5.95 -8.71 -45.82
N LEU B 34 -6.61 -8.81 -44.67
CA LEU B 34 -6.01 -9.49 -43.53
C LEU B 34 -5.78 -10.96 -43.85
N ALA B 35 -6.74 -11.59 -44.54
CA ALA B 35 -6.59 -12.98 -44.94
C ALA B 35 -5.64 -13.15 -46.13
N ARG B 36 -5.34 -12.08 -46.86
CA ARG B 36 -4.33 -12.18 -47.91
C ARG B 36 -2.95 -12.48 -47.35
N GLY B 37 -2.73 -12.26 -46.06
CA GLY B 37 -1.46 -12.58 -45.43
C GLY B 37 -0.48 -11.42 -45.44
N GLY B 38 0.59 -11.59 -44.67
CA GLY B 38 1.62 -10.58 -44.55
C GLY B 38 1.47 -9.65 -43.37
N TYR B 39 0.59 -9.95 -42.42
CA TYR B 39 0.34 -9.10 -41.26
C TYR B 39 0.89 -9.80 -40.02
N THR B 40 2.16 -9.57 -39.74
CA THR B 40 2.84 -10.20 -38.60
C THR B 40 3.76 -9.19 -37.94
N GLY B 41 4.10 -9.47 -36.68
CA GLY B 41 5.07 -8.68 -35.97
C GLY B 41 4.46 -7.63 -35.07
N PRO B 42 5.10 -6.46 -35.03
CA PRO B 42 4.61 -5.38 -34.15
C PRO B 42 3.21 -4.93 -34.53
N LEU B 43 2.43 -4.57 -33.51
CA LEU B 43 1.02 -4.26 -33.72
C LEU B 43 0.83 -2.96 -34.50
N LEU B 44 1.33 -1.85 -33.96
CA LEU B 44 0.91 -0.53 -34.43
C LEU B 44 1.23 -0.32 -35.90
N GLU B 45 2.46 -0.64 -36.33
CA GLU B 45 2.82 -0.38 -37.72
C GLU B 45 2.14 -1.37 -38.65
N SER B 46 1.90 -2.59 -38.17
CA SER B 46 1.12 -3.54 -38.97
C SER B 46 -0.28 -3.00 -39.24
N LEU B 47 -0.93 -2.46 -38.21
CA LEU B 47 -2.24 -1.86 -38.40
C LEU B 47 -2.17 -0.66 -39.33
N ARG B 48 -1.13 0.17 -39.18
CA ARG B 48 -1.01 1.34 -40.03
C ARG B 48 -0.84 0.97 -41.49
N LYS B 49 -0.01 -0.03 -41.78
CA LYS B 49 0.15 -0.47 -43.17
C LYS B 49 -1.10 -1.15 -43.68
N LEU B 50 -1.81 -1.88 -42.81
CA LEU B 50 -3.06 -2.50 -43.21
C LEU B 50 -4.08 -1.45 -43.63
N ALA B 51 -4.17 -0.36 -42.85
CA ALA B 51 -5.04 0.74 -43.23
C ALA B 51 -4.56 1.43 -44.49
N ALA B 52 -3.24 1.60 -44.65
CA ALA B 52 -2.71 2.21 -45.85
C ALA B 52 -3.02 1.38 -47.09
N ALA B 53 -3.20 0.07 -46.92
CA ALA B 53 -3.58 -0.77 -48.05
C ALA B 53 -4.92 -0.36 -48.62
N VAL B 54 -5.88 -0.02 -47.76
CA VAL B 54 -7.22 0.37 -48.21
C VAL B 54 -7.36 1.88 -47.98
N PRO B 55 -7.28 2.70 -49.03
CA PRO B 55 -7.35 4.15 -48.85
C PRO B 55 -8.75 4.68 -48.56
N GLU B 56 -9.75 3.80 -48.50
CA GLU B 56 -11.13 4.25 -48.29
C GLU B 56 -11.27 4.97 -46.96
N ARG B 57 -11.93 6.13 -47.00
CA ARG B 57 -12.23 6.91 -45.81
C ARG B 57 -13.73 7.13 -45.74
N LEU B 58 -14.34 6.72 -44.63
CA LEU B 58 -15.79 6.85 -44.50
C LEU B 58 -16.19 8.29 -44.19
N TYR B 59 -15.72 8.82 -43.05
CA TYR B 59 -16.11 10.13 -42.58
C TYR B 59 -14.98 11.13 -42.77
N ASP B 60 -15.35 12.40 -42.86
CA ASP B 60 -14.41 13.51 -42.76
C ASP B 60 -14.43 14.14 -41.37
N ASP B 61 -15.17 13.56 -40.44
CA ASP B 61 -15.27 14.07 -39.08
C ASP B 61 -15.04 12.93 -38.10
N SER B 62 -14.51 13.27 -36.94
CA SER B 62 -14.09 12.27 -35.94
C SER B 62 -15.19 11.93 -34.95
N ALA B 63 -16.01 12.91 -34.57
CA ALA B 63 -17.05 12.66 -33.58
C ALA B 63 -17.99 11.55 -34.01
N ARG B 64 -18.33 11.51 -35.30
CA ARG B 64 -19.27 10.50 -35.79
C ARG B 64 -18.69 9.10 -35.66
N VAL B 65 -17.43 8.92 -36.06
CA VAL B 65 -16.84 7.58 -35.99
C VAL B 65 -16.60 7.17 -34.54
N LEU B 66 -16.24 8.13 -33.68
CA LEU B 66 -16.14 7.81 -32.25
C LEU B 66 -17.48 7.37 -31.69
N LEU B 67 -18.55 8.06 -32.08
CA LEU B 67 -19.89 7.65 -31.68
C LEU B 67 -20.21 6.24 -32.17
N ARG B 68 -19.84 5.95 -33.42
CA ARG B 68 -20.04 4.60 -33.94
C ARG B 68 -19.35 3.57 -33.07
N MET B 69 -18.08 3.83 -32.72
CA MET B 69 -17.35 2.94 -31.85
C MET B 69 -18.08 2.71 -30.54
N HIS B 70 -18.46 3.80 -29.87
CA HIS B 70 -19.09 3.66 -28.56
C HIS B 70 -20.42 2.92 -28.65
N GLU B 71 -21.25 3.26 -29.64
CA GLU B 71 -22.56 2.62 -29.74
C GLU B 71 -22.45 1.15 -30.07
N ILE B 72 -21.50 0.77 -30.93
CA ILE B 72 -21.31 -0.65 -31.21
C ILE B 72 -20.80 -1.36 -29.96
N ALA B 73 -19.85 -0.75 -29.26
CA ALA B 73 -19.35 -1.36 -28.04
C ALA B 73 -20.34 -1.23 -26.88
N GLY B 74 -21.11 -0.15 -26.85
CA GLY B 74 -22.10 0.04 -25.80
C GLY B 74 -21.52 0.08 -24.40
N SER B 75 -20.40 0.76 -24.23
CA SER B 75 -19.75 0.92 -22.93
C SER B 75 -18.69 2.01 -23.08
N GLY B 76 -17.90 2.22 -22.02
CA GLY B 76 -16.83 3.19 -22.05
C GLY B 76 -17.22 4.50 -21.41
N ASN B 77 -16.46 5.55 -21.76
CA ASN B 77 -16.75 6.93 -21.34
C ASN B 77 -16.86 7.78 -22.60
N TYR B 78 -18.05 7.78 -23.20
CA TYR B 78 -18.28 8.52 -24.43
C TYR B 78 -18.32 10.03 -24.20
N GLN B 79 -18.96 10.46 -23.12
CA GLN B 79 -19.07 11.89 -22.84
C GLN B 79 -17.70 12.52 -22.59
N SER B 80 -16.83 11.82 -21.87
CA SER B 80 -15.50 12.36 -21.58
C SER B 80 -14.72 12.58 -22.87
N ASN B 81 -14.84 11.66 -23.83
CA ASN B 81 -14.12 11.81 -25.08
C ASN B 81 -14.74 12.90 -25.96
N LEU B 82 -16.07 13.04 -25.93
CA LEU B 82 -16.67 14.21 -26.56
C LEU B 82 -16.10 15.48 -25.98
N SER B 83 -15.94 15.53 -24.66
CA SER B 83 -15.37 16.70 -24.01
C SER B 83 -13.92 16.94 -24.43
N SER B 84 -13.13 15.87 -24.50
CA SER B 84 -11.70 15.97 -24.68
C SER B 84 -11.25 16.00 -26.13
N LEU B 85 -12.16 15.80 -27.08
CA LEU B 85 -11.76 15.76 -28.49
C LEU B 85 -10.98 16.99 -28.97
N PRO B 86 -11.35 18.22 -28.61
CA PRO B 86 -10.54 19.36 -29.07
C PRO B 86 -9.08 19.29 -28.63
N LEU B 87 -8.81 18.77 -27.43
CA LEU B 87 -7.44 18.64 -26.97
C LEU B 87 -6.63 17.72 -27.88
N VAL B 88 -7.17 16.54 -28.18
CA VAL B 88 -6.46 15.60 -29.04
C VAL B 88 -6.33 16.16 -30.44
N ARG B 89 -7.36 16.86 -30.93
CA ARG B 89 -7.28 17.49 -32.24
C ARG B 89 -6.13 18.49 -32.30
N ALA B 90 -6.04 19.37 -31.30
CA ALA B 90 -4.95 20.35 -31.28
C ALA B 90 -3.60 19.67 -31.16
N CYS B 91 -3.50 18.63 -30.35
CA CYS B 91 -2.24 17.91 -30.21
C CYS B 91 -1.81 17.29 -31.53
N PHE B 92 -2.76 16.73 -32.29
CA PHE B 92 -2.43 16.20 -33.60
C PHE B 92 -2.04 17.30 -34.57
N ASP B 93 -2.68 18.47 -34.47
CA ASP B 93 -2.39 19.56 -35.38
C ASP B 93 -0.95 20.04 -35.23
N LEU B 94 -0.46 20.13 -34.00
CA LEU B 94 0.90 20.60 -33.74
C LEU B 94 1.96 19.62 -34.24
N GLY B 95 1.58 18.40 -34.62
CA GLY B 95 2.55 17.38 -34.89
C GLY B 95 3.14 16.74 -33.66
N LEU B 96 2.55 17.00 -32.48
CA LEU B 96 3.00 16.34 -31.26
C LEU B 96 2.94 14.82 -31.37
N VAL B 97 2.03 14.32 -32.22
CA VAL B 97 1.99 12.90 -32.56
C VAL B 97 2.82 12.73 -33.84
N PRO B 98 4.00 12.12 -33.77
CA PRO B 98 4.84 11.98 -34.97
C PRO B 98 4.36 10.82 -35.83
N GLU B 99 4.17 11.09 -37.12
CA GLU B 99 3.78 10.02 -38.04
C GLU B 99 4.86 8.97 -38.15
N ASP B 100 6.12 9.39 -38.29
CA ASP B 100 7.26 8.49 -38.46
C ASP B 100 8.44 9.06 -37.69
N GLY B 101 8.99 8.26 -36.77
CA GLY B 101 10.16 8.66 -36.02
C GLY B 101 9.84 9.56 -34.84
N PRO B 102 10.86 10.16 -34.24
CA PRO B 102 10.64 11.05 -33.10
C PRO B 102 10.18 12.42 -33.56
N GLY B 103 9.23 13.00 -32.83
CA GLY B 103 8.69 14.30 -33.15
C GLY B 103 9.47 15.41 -32.50
N PRO B 104 8.96 16.64 -32.59
CA PRO B 104 9.68 17.79 -32.03
C PRO B 104 9.51 17.91 -30.52
N ALA B 105 8.85 16.92 -29.91
CA ALA B 105 8.66 16.91 -28.47
C ALA B 105 8.09 15.56 -28.06
N GLU B 106 8.47 15.10 -26.87
CA GLU B 106 7.88 13.89 -26.32
C GLU B 106 6.52 14.20 -25.73
N LEU B 107 5.74 13.16 -25.47
CA LEU B 107 4.38 13.33 -24.99
C LEU B 107 4.00 12.19 -24.06
N ILE B 108 3.23 12.52 -23.02
CA ILE B 108 2.87 11.60 -21.95
C ILE B 108 1.37 11.76 -21.72
N VAL B 109 0.56 10.90 -22.35
CA VAL B 109 -0.87 10.90 -22.07
C VAL B 109 -1.10 10.27 -20.71
N GLY B 110 -1.73 11.02 -19.80
CA GLY B 110 -1.84 10.58 -18.42
C GLY B 110 -3.18 10.01 -18.04
N ARG B 111 -4.26 10.63 -18.50
CA ARG B 111 -5.58 10.10 -18.24
C ARG B 111 -5.75 8.75 -18.93
N GLY B 112 -6.52 7.86 -18.30
CA GLY B 112 -6.62 6.50 -18.79
C GLY B 112 -7.87 6.23 -19.60
N HIS B 113 -8.74 7.21 -19.71
CA HIS B 113 -9.99 7.08 -20.46
C HIS B 113 -10.07 8.07 -21.62
N ILE B 114 -8.93 8.36 -22.25
CA ILE B 114 -8.91 9.17 -23.46
C ILE B 114 -8.15 8.39 -24.53
N ALA B 115 -8.20 7.07 -24.45
CA ALA B 115 -7.59 6.25 -25.49
C ALA B 115 -8.42 6.23 -26.78
N PRO B 116 -9.74 6.04 -26.76
CA PRO B 116 -10.48 6.00 -28.03
C PRO B 116 -10.38 7.28 -28.85
N ALA B 117 -10.20 8.43 -28.20
CA ALA B 117 -10.08 9.68 -28.94
C ALA B 117 -8.92 9.64 -29.92
N PHE B 118 -7.84 8.93 -29.55
CA PHE B 118 -6.71 8.79 -30.45
C PHE B 118 -7.07 7.94 -31.67
N TYR B 119 -7.76 6.82 -31.44
CA TYR B 119 -8.27 6.03 -32.55
C TYR B 119 -9.13 6.88 -33.46
N ALA B 120 -9.90 7.80 -32.89
CA ALA B 120 -10.77 8.65 -33.69
C ALA B 120 -9.97 9.48 -34.69
N GLU B 121 -9.06 10.32 -34.19
CA GLU B 121 -8.32 11.19 -35.08
C GLU B 121 -7.40 10.39 -36.00
N HIS B 122 -7.05 9.17 -35.62
CA HIS B 122 -6.25 8.34 -36.51
C HIS B 122 -7.02 7.90 -37.76
N TYR B 123 -8.35 7.88 -37.71
CA TYR B 123 -9.10 7.41 -38.86
C TYR B 123 -9.14 8.46 -39.97
N VAL B 124 -9.20 9.74 -39.61
CA VAL B 124 -9.17 10.81 -40.61
C VAL B 124 -7.86 10.79 -41.37
N ARG B 125 -6.76 10.56 -40.66
CA ARG B 125 -5.44 10.52 -41.29
C ARG B 125 -5.26 9.29 -42.17
N GLY B 126 -6.21 8.36 -42.15
CA GLY B 126 -6.08 7.14 -42.94
C GLY B 126 -4.95 6.25 -42.50
N THR B 127 -4.69 6.19 -41.19
CA THR B 127 -3.63 5.36 -40.65
C THR B 127 -4.16 4.21 -39.80
N PHE B 128 -5.43 4.22 -39.42
CA PHE B 128 -6.03 3.10 -38.74
C PHE B 128 -7.28 2.61 -39.48
N PRO B 129 -7.45 1.29 -39.60
CA PRO B 129 -8.61 0.76 -40.32
C PRO B 129 -9.89 0.86 -39.50
N PHE B 130 -10.97 0.28 -40.02
CA PHE B 130 -12.26 0.29 -39.33
C PHE B 130 -12.62 -1.04 -38.67
N ALA B 131 -11.94 -2.13 -39.01
CA ALA B 131 -12.25 -3.41 -38.37
C ALA B 131 -11.97 -3.40 -36.88
N PRO B 132 -10.81 -2.95 -36.39
CA PRO B 132 -10.61 -2.93 -34.93
C PRO B 132 -11.53 -1.95 -34.21
N LEU B 133 -11.96 -0.89 -34.89
CA LEU B 133 -12.77 0.12 -34.22
C LEU B 133 -14.09 -0.45 -33.71
N ALA B 134 -14.64 -1.45 -34.41
CA ALA B 134 -15.83 -2.14 -33.95
C ALA B 134 -15.51 -3.20 -32.90
N THR B 135 -14.30 -3.16 -32.33
CA THR B 135 -13.87 -4.10 -31.31
C THR B 135 -13.46 -3.35 -30.06
N LEU B 136 -14.16 -2.27 -29.75
CA LEU B 136 -13.84 -1.49 -28.55
C LEU B 136 -14.32 -2.21 -27.30
N HIS B 137 -13.47 -2.24 -26.28
CA HIS B 137 -13.77 -2.89 -25.01
C HIS B 137 -14.29 -4.31 -25.22
N GLN B 138 -13.70 -5.02 -26.17
CA GLN B 138 -14.12 -6.40 -26.42
C GLN B 138 -12.92 -7.30 -26.72
N GLY B 139 -11.71 -6.86 -26.39
CA GLY B 139 -10.51 -7.62 -26.65
C GLY B 139 -9.72 -7.14 -27.85
N GLY B 140 -10.36 -6.50 -28.81
CA GLY B 140 -9.66 -5.98 -29.96
C GLY B 140 -8.77 -4.81 -29.62
N LEU B 141 -9.38 -3.66 -29.35
CA LEU B 141 -8.64 -2.49 -28.93
C LEU B 141 -8.73 -2.35 -27.42
N THR B 142 -8.20 -1.26 -26.90
CA THR B 142 -8.05 -1.10 -25.47
C THR B 142 -8.59 0.26 -25.06
N GLY B 143 -9.41 0.28 -24.01
CA GLY B 143 -9.96 1.54 -23.54
C GLY B 143 -8.96 2.43 -22.85
N VAL B 144 -7.81 1.89 -22.47
CA VAL B 144 -6.76 2.67 -21.81
C VAL B 144 -5.56 2.75 -22.74
N VAL B 145 -4.75 3.79 -22.52
CA VAL B 145 -3.54 3.94 -23.32
C VAL B 145 -2.62 2.74 -23.10
N HIS B 146 -1.80 2.46 -24.12
CA HIS B 146 -0.84 1.38 -24.01
C HIS B 146 0.32 1.67 -24.95
N GLN B 147 1.44 0.96 -24.71
CA GLN B 147 2.68 1.25 -25.40
C GLN B 147 2.54 1.05 -26.90
N ASP B 148 2.04 -0.11 -27.32
CA ASP B 148 2.18 -0.57 -28.69
C ASP B 148 1.14 0.00 -29.64
N LEU B 149 0.49 1.11 -29.30
CA LEU B 149 -0.49 1.73 -30.19
C LEU B 149 -0.11 3.16 -30.56
N GLY B 150 1.19 3.46 -30.63
CA GLY B 150 1.64 4.77 -31.02
C GLY B 150 1.86 5.74 -29.88
N PHE B 151 1.70 5.31 -28.64
CA PHE B 151 1.96 6.17 -27.50
C PHE B 151 3.39 5.98 -27.01
N THR B 152 3.74 6.70 -25.95
CA THR B 152 4.99 6.50 -25.24
C THR B 152 4.76 6.12 -23.79
N ASN B 153 3.54 5.75 -23.43
CA ASN B 153 3.16 5.51 -22.05
C ASN B 153 2.85 4.04 -21.82
N THR B 154 2.43 3.74 -20.59
CA THR B 154 1.73 2.53 -20.24
C THR B 154 0.90 2.85 -19.00
N MET B 155 -0.28 2.27 -18.91
CA MET B 155 -1.17 2.58 -17.80
C MET B 155 -1.70 1.31 -17.17
N ARG B 156 -1.87 1.36 -15.86
CA ARG B 156 -2.38 0.27 -15.06
C ARG B 156 -3.72 0.70 -14.46
N TYR B 157 -4.28 -0.14 -13.60
CA TYR B 157 -5.59 0.13 -13.02
C TYR B 157 -5.59 1.43 -12.24
N SER B 158 -4.52 1.70 -11.49
CA SER B 158 -4.49 2.84 -10.59
C SER B 158 -4.52 4.15 -11.36
N LEU B 159 -4.59 5.26 -10.61
CA LEU B 159 -4.64 6.60 -11.16
C LEU B 159 -3.46 7.42 -10.65
N GLY B 160 -3.18 8.53 -11.33
CA GLY B 160 -2.15 9.45 -10.90
C GLY B 160 -0.76 9.14 -11.40
N VAL B 161 -0.57 8.03 -12.11
CA VAL B 161 0.76 7.61 -12.50
C VAL B 161 1.28 8.42 -13.69
N GLY B 162 0.40 9.10 -14.42
CA GLY B 162 0.83 9.81 -15.61
C GLY B 162 1.84 10.90 -15.30
N VAL B 163 1.56 11.70 -14.27
CA VAL B 163 2.49 12.75 -13.87
C VAL B 163 3.80 12.16 -13.40
N ALA B 164 3.75 10.99 -12.74
CA ALA B 164 4.97 10.33 -12.31
C ALA B 164 5.84 9.95 -13.51
N GLN B 165 5.22 9.35 -14.53
CA GLN B 165 5.98 8.98 -15.72
C GLN B 165 6.57 10.20 -16.41
N ALA B 166 5.76 11.27 -16.51
CA ALA B 166 6.24 12.48 -17.17
C ALA B 166 7.40 13.09 -16.41
N VAL B 167 7.35 13.09 -15.07
CA VAL B 167 8.42 13.69 -14.30
C VAL B 167 9.67 12.83 -14.34
N SER B 168 9.50 11.50 -14.41
CA SER B 168 10.66 10.64 -14.61
C SER B 168 11.36 10.95 -15.92
N LEU B 169 10.58 11.07 -17.00
CA LEU B 169 11.18 11.37 -18.30
C LEU B 169 11.82 12.75 -18.30
N ALA B 170 11.18 13.73 -17.65
CA ALA B 170 11.74 15.07 -17.59
C ALA B 170 13.05 15.09 -16.82
N TRP B 171 13.12 14.37 -15.71
CA TRP B 171 14.37 14.30 -14.95
C TRP B 171 15.46 13.63 -15.77
N GLU B 172 15.12 12.57 -16.51
CA GLU B 172 16.07 12.00 -17.45
C GLU B 172 16.59 13.04 -18.43
N LEU B 173 15.68 13.74 -19.11
CA LEU B 173 16.07 14.69 -20.15
C LEU B 173 16.96 15.78 -19.57
N THR B 174 16.65 16.23 -18.35
CA THR B 174 17.51 17.21 -17.69
C THR B 174 18.86 16.64 -17.32
N ARG B 175 18.92 15.36 -16.92
CA ARG B 175 20.20 14.75 -16.56
C ARG B 175 21.14 14.71 -17.75
N ARG B 176 20.67 14.17 -18.87
CA ARG B 176 21.49 14.18 -20.08
C ARG B 176 21.65 15.59 -20.62
N GLY B 177 20.61 16.41 -20.51
CA GLY B 177 20.71 17.82 -20.83
C GLY B 177 20.38 18.22 -22.25
N GLU B 178 19.19 17.87 -22.76
CA GLU B 178 18.82 18.17 -24.13
C GLU B 178 17.56 19.01 -24.24
N ASP B 179 17.25 19.79 -23.19
CA ASP B 179 16.23 20.84 -23.18
C ASP B 179 14.99 20.52 -24.00
N ARG B 180 14.53 19.28 -23.92
CA ARG B 180 13.45 18.78 -24.76
C ARG B 180 12.17 18.70 -23.95
N LYS B 181 11.10 19.29 -24.48
CA LYS B 181 9.88 19.47 -23.70
C LYS B 181 9.06 18.19 -23.63
N VAL B 182 8.56 17.91 -22.44
CA VAL B 182 7.66 16.78 -22.18
C VAL B 182 6.32 17.34 -21.76
N VAL B 183 5.27 17.03 -22.52
CA VAL B 183 3.93 17.53 -22.29
C VAL B 183 3.06 16.36 -21.84
N CYS B 184 2.41 16.50 -20.70
CA CYS B 184 1.65 15.42 -20.07
C CYS B 184 0.21 15.85 -19.85
N LEU B 185 -0.71 14.92 -20.09
CA LEU B 185 -2.14 15.16 -19.94
C LEU B 185 -2.62 14.71 -18.57
N ALA B 186 -3.41 15.56 -17.91
CA ALA B 186 -3.85 15.31 -16.53
C ALA B 186 -5.35 15.53 -16.40
N GLY B 187 -5.95 14.81 -15.45
CA GLY B 187 -7.37 14.86 -15.22
C GLY B 187 -7.77 15.80 -14.09
N ASP B 188 -9.08 15.90 -13.87
CA ASP B 188 -9.60 16.83 -12.88
C ASP B 188 -9.51 16.26 -11.46
N GLY B 189 -10.13 15.10 -11.23
CA GLY B 189 -10.15 14.47 -9.92
C GLY B 189 -8.95 13.62 -9.63
N GLU B 190 -7.99 13.57 -10.54
CA GLU B 190 -6.79 12.79 -10.37
C GLU B 190 -5.68 13.62 -9.71
N LEU B 191 -5.97 14.87 -9.38
CA LEU B 191 -5.11 15.68 -8.51
C LEU B 191 -5.57 15.66 -7.07
N GLN B 192 -6.76 15.14 -6.79
CA GLN B 192 -7.19 14.95 -5.42
C GLN B 192 -6.35 13.92 -4.68
N GLU B 193 -5.58 13.11 -5.42
CA GLU B 193 -4.71 12.12 -4.81
C GLU B 193 -3.49 12.81 -4.20
N GLY B 194 -2.56 12.00 -3.68
CA GLY B 194 -1.38 12.51 -3.04
C GLY B 194 -0.12 12.27 -3.84
N VAL B 195 -0.13 11.23 -4.68
CA VAL B 195 1.06 10.90 -5.47
C VAL B 195 1.44 12.05 -6.39
N VAL B 196 0.44 12.66 -7.04
CA VAL B 196 0.71 13.77 -7.93
C VAL B 196 1.31 14.94 -7.17
N PHE B 197 0.88 15.14 -5.92
CA PHE B 197 1.52 16.16 -5.09
C PHE B 197 2.99 15.86 -4.89
N GLU B 198 3.34 14.60 -4.61
CA GLU B 198 4.74 14.25 -4.39
C GLU B 198 5.55 14.47 -5.66
N CYS B 199 5.02 14.07 -6.81
CA CYS B 199 5.75 14.25 -8.06
C CYS B 199 5.95 15.72 -8.39
N LEU B 200 4.90 16.53 -8.22
CA LEU B 200 5.03 17.97 -8.47
C LEU B 200 6.03 18.60 -7.51
N ARG B 201 6.00 18.18 -6.25
CA ARG B 201 6.95 18.71 -5.27
C ARG B 201 8.38 18.38 -5.68
N PHE B 202 8.64 17.15 -6.11
CA PHE B 202 9.99 16.81 -6.55
C PHE B 202 10.38 17.63 -7.77
N ALA B 203 9.45 17.81 -8.71
CA ALA B 203 9.75 18.63 -9.88
C ALA B 203 10.15 20.04 -9.47
N HIS B 204 9.48 20.59 -8.46
CA HIS B 204 9.78 21.96 -8.04
C HIS B 204 11.09 22.04 -7.28
N GLU B 205 11.38 21.06 -6.42
CA GLU B 205 12.63 21.11 -5.66
C GLU B 205 13.84 21.05 -6.59
N ALA B 206 13.81 20.17 -7.58
CA ALA B 206 14.92 20.02 -8.50
C ALA B 206 14.95 21.13 -9.56
N ASP B 207 14.06 22.12 -9.45
CA ASP B 207 13.99 23.24 -10.38
C ASP B 207 13.88 22.77 -11.82
N LEU B 208 12.99 21.79 -12.03
CA LEU B 208 12.75 21.28 -13.38
C LEU B 208 12.13 22.36 -14.25
N LYS B 209 12.50 22.34 -15.53
CA LYS B 209 12.07 23.35 -16.48
C LYS B 209 11.39 22.80 -17.72
N ASN B 210 11.56 21.52 -18.04
CA ASN B 210 11.02 20.92 -19.26
C ASN B 210 9.78 20.07 -19.02
N LEU B 211 8.93 20.47 -18.08
CA LEU B 211 7.68 19.78 -17.78
C LEU B 211 6.52 20.70 -18.12
N ILE B 212 5.61 20.23 -18.96
CA ILE B 212 4.42 20.99 -19.33
C ILE B 212 3.21 20.13 -19.03
N LEU B 213 2.22 20.71 -18.35
CA LEU B 213 1.00 20.00 -18.00
C LEU B 213 -0.18 20.59 -18.75
N VAL B 214 -1.00 19.71 -19.32
CA VAL B 214 -2.29 20.06 -19.90
C VAL B 214 -3.32 19.29 -19.11
N VAL B 215 -4.00 19.95 -18.18
CA VAL B 215 -4.95 19.30 -17.29
C VAL B 215 -6.36 19.80 -17.64
N ASP B 216 -7.29 18.86 -17.75
CA ASP B 216 -8.67 19.20 -18.09
C ASP B 216 -9.52 19.17 -16.82
N THR B 217 -10.21 20.29 -16.55
CA THR B 217 -11.04 20.44 -15.36
C THR B 217 -12.48 20.63 -15.83
N ASN B 218 -13.24 19.55 -15.82
CA ASN B 218 -14.66 19.58 -16.14
C ASN B 218 -15.53 19.88 -14.93
N ASP B 219 -14.90 20.16 -13.78
CA ASP B 219 -15.52 20.51 -12.50
C ASP B 219 -16.29 19.35 -11.90
N LYS B 220 -16.35 18.20 -12.55
CA LYS B 220 -17.11 17.05 -12.05
C LYS B 220 -16.28 15.79 -12.25
N GLY B 221 -16.03 15.06 -11.17
CA GLY B 221 -15.44 13.74 -11.27
C GLY B 221 -16.52 12.72 -11.52
N ILE B 222 -16.46 11.58 -10.84
CA ILE B 222 -17.57 10.63 -10.89
C ILE B 222 -18.80 11.23 -10.20
N GLU B 223 -18.59 12.02 -9.14
CA GLU B 223 -19.60 12.79 -8.47
C GLU B 223 -19.22 14.27 -8.52
N PRO B 224 -20.19 15.18 -8.59
CA PRO B 224 -19.87 16.61 -8.57
C PRO B 224 -18.98 16.98 -7.39
N LEU B 225 -17.85 17.62 -7.70
CA LEU B 225 -16.84 17.94 -6.69
C LEU B 225 -17.37 18.97 -5.71
N LEU B 226 -16.89 18.87 -4.47
CA LEU B 226 -17.35 19.78 -3.41
C LEU B 226 -16.88 21.21 -3.68
N LYS B 227 -15.59 21.36 -3.95
CA LYS B 227 -15.00 22.64 -4.32
C LYS B 227 -14.10 22.45 -5.53
N PRO B 228 -14.06 23.43 -6.43
CA PRO B 228 -13.23 23.30 -7.64
C PRO B 228 -11.76 23.08 -7.30
N LEU B 229 -11.00 22.75 -8.35
CA LEU B 229 -9.60 22.41 -8.19
C LEU B 229 -8.82 23.57 -7.57
N SER B 230 -7.94 23.24 -6.63
CA SER B 230 -7.17 24.24 -5.89
C SER B 230 -6.14 24.87 -6.82
N ARG B 231 -6.46 26.07 -7.32
CA ARG B 231 -5.56 26.73 -8.27
C ARG B 231 -4.30 27.24 -7.60
N GLY B 232 -4.39 27.64 -6.34
CA GLY B 232 -3.18 28.03 -5.61
C GLY B 232 -2.20 26.89 -5.48
N TYR B 233 -2.72 25.67 -5.27
CA TYR B 233 -1.85 24.50 -5.18
C TYR B 233 -1.10 24.26 -6.50
N LEU B 234 -1.78 24.41 -7.63
CA LEU B 234 -1.11 24.31 -8.92
C LEU B 234 -0.08 25.40 -9.09
N ALA B 235 -0.44 26.64 -8.74
CA ALA B 235 0.44 27.78 -8.98
C ALA B 235 1.71 27.70 -8.14
N SER B 236 1.59 27.27 -6.89
CA SER B 236 2.75 27.30 -5.99
C SER B 236 3.86 26.40 -6.49
N TYR B 237 3.53 25.21 -6.96
CA TYR B 237 4.53 24.19 -7.27
C TYR B 237 4.97 24.20 -8.73
N LEU B 238 4.49 25.13 -9.54
CA LEU B 238 4.91 25.23 -10.93
C LEU B 238 5.08 26.69 -11.31
N ASP B 239 5.91 26.92 -12.33
CA ASP B 239 6.28 28.29 -12.68
C ASP B 239 5.08 29.07 -13.24
N ARG B 240 4.38 28.50 -14.21
CA ARG B 240 3.31 29.21 -14.91
C ARG B 240 2.07 28.34 -14.99
N VAL B 241 0.91 29.00 -14.94
CA VAL B 241 -0.38 28.34 -15.08
C VAL B 241 -1.27 29.20 -15.97
N GLU B 242 -2.02 28.54 -16.85
CA GLU B 242 -2.96 29.22 -17.74
C GLU B 242 -4.21 28.35 -17.88
N GLU B 243 -5.31 29.00 -18.26
CA GLU B 243 -6.59 28.31 -18.38
C GLU B 243 -7.32 28.79 -19.63
N VAL B 244 -7.77 27.84 -20.45
CA VAL B 244 -8.52 28.12 -21.67
C VAL B 244 -9.66 27.12 -21.78
N ASP B 245 -10.52 27.34 -22.77
CA ASP B 245 -11.66 26.48 -22.99
C ASP B 245 -11.24 25.16 -23.63
N GLY B 246 -12.05 24.13 -23.40
CA GLY B 246 -11.81 22.82 -24.00
C GLY B 246 -12.72 22.52 -25.16
N LEU B 247 -13.22 23.56 -25.81
CA LEU B 247 -14.11 23.43 -26.97
C LEU B 247 -13.52 24.00 -28.25
N ASP B 248 -12.76 25.08 -28.17
CA ASP B 248 -12.13 25.70 -29.34
C ASP B 248 -10.74 25.12 -29.51
N THR B 249 -10.60 24.23 -30.50
CA THR B 249 -9.30 23.60 -30.76
C THR B 249 -8.23 24.62 -31.09
N ALA B 250 -8.62 25.73 -31.73
CA ALA B 250 -7.64 26.72 -32.17
C ALA B 250 -6.90 27.34 -30.98
N THR B 251 -7.64 27.70 -29.92
CA THR B 251 -7.01 28.32 -28.76
C THR B 251 -6.02 27.37 -28.11
N VAL B 252 -6.40 26.11 -27.94
CA VAL B 252 -5.50 25.13 -27.31
C VAL B 252 -4.26 24.93 -28.17
N ARG B 253 -4.44 24.78 -29.47
CA ARG B 253 -3.31 24.57 -30.36
C ARG B 253 -2.36 25.76 -30.32
N ASP B 254 -2.90 26.98 -30.39
CA ASP B 254 -2.06 28.16 -30.32
C ASP B 254 -1.32 28.27 -29.00
N SER B 255 -2.03 27.99 -27.89
CA SER B 255 -1.42 28.09 -26.57
C SER B 255 -0.27 27.11 -26.42
N LEU B 256 -0.47 25.86 -26.85
CA LEU B 256 0.60 24.88 -26.73
C LEU B 256 1.74 25.15 -27.70
N GLY B 257 1.44 25.65 -28.90
CA GLY B 257 2.50 26.03 -29.82
C GLY B 257 3.37 27.13 -29.26
N ALA B 258 2.76 28.15 -28.66
CA ALA B 258 3.52 29.20 -28.01
C ALA B 258 4.29 28.66 -26.81
N LEU B 259 3.67 27.77 -26.03
CA LEU B 259 4.29 27.28 -24.81
C LEU B 259 5.41 26.30 -25.11
N LEU B 260 5.33 25.58 -26.23
CA LEU B 260 6.41 24.69 -26.62
C LEU B 260 7.70 25.43 -26.91
N ALA B 261 7.62 26.75 -27.14
CA ALA B 261 8.80 27.55 -27.43
C ALA B 261 9.53 27.99 -26.16
N ALA B 262 8.80 28.55 -25.19
CA ALA B 262 9.41 29.03 -23.96
C ALA B 262 9.95 27.86 -23.14
N PRO B 263 11.24 27.84 -22.79
CA PRO B 263 11.82 26.70 -22.07
C PRO B 263 11.66 26.81 -20.56
N THR B 264 10.42 26.84 -20.10
CA THR B 264 10.11 26.94 -18.69
C THR B 264 8.92 26.06 -18.38
N SER B 265 8.97 25.37 -17.23
CA SER B 265 7.89 24.46 -16.87
C SER B 265 6.61 25.23 -16.59
N ALA B 266 5.49 24.67 -17.04
CA ALA B 266 4.20 25.32 -16.88
C ALA B 266 3.09 24.28 -16.96
N ALA B 267 1.90 24.68 -16.53
CA ALA B 267 0.71 23.83 -16.58
C ALA B 267 -0.41 24.56 -17.29
N LEU B 268 -1.17 23.82 -18.09
CA LEU B 268 -2.31 24.37 -18.83
C LEU B 268 -3.59 23.76 -18.29
N VAL B 269 -4.52 24.62 -17.88
CA VAL B 269 -5.79 24.20 -17.29
C VAL B 269 -6.82 24.29 -18.41
N CYS B 270 -7.01 23.19 -19.12
CA CYS B 270 -7.98 23.16 -20.22
C CYS B 270 -9.37 22.98 -19.64
N ARG B 271 -10.05 24.09 -19.39
CA ARG B 271 -11.40 24.05 -18.86
C ARG B 271 -12.32 23.34 -19.85
N THR B 272 -13.12 22.39 -19.34
CA THR B 272 -13.97 21.56 -20.18
C THR B 272 -15.26 21.30 -19.43
N ARG B 273 -16.22 20.67 -20.09
CA ARG B 273 -17.49 20.30 -19.47
C ARG B 273 -17.93 18.93 -19.96
N LYS B 274 -18.72 18.26 -19.13
CA LYS B 274 -19.21 16.92 -19.46
C LYS B 274 -20.42 16.60 -18.58
N GLY B 275 -21.18 15.58 -18.99
CA GLY B 275 -22.36 15.16 -18.27
C GLY B 275 -22.15 13.91 -17.44
N ASP B 276 -22.99 12.90 -17.65
CA ASP B 276 -22.84 11.65 -16.92
C ASP B 276 -21.54 10.95 -17.31
N HIS B 277 -20.87 10.36 -16.32
CA HIS B 277 -19.59 9.71 -16.53
C HIS B 277 -19.73 8.51 -17.47
N SER B 278 -20.49 7.51 -17.05
CA SER B 278 -20.65 6.31 -17.84
C SER B 278 -21.59 6.57 -19.03
N PHE B 279 -21.89 5.51 -19.76
CA PHE B 279 -22.70 5.61 -20.97
C PHE B 279 -23.85 4.62 -20.92
N LYS B 280 -25.01 5.05 -21.41
CA LYS B 280 -26.20 4.20 -21.50
C LYS B 280 -26.70 4.19 -22.94
N PRO B 281 -26.65 3.06 -23.64
CA PRO B 281 -27.15 3.03 -25.01
C PRO B 281 -28.65 3.20 -25.05
N ALA B 282 -29.14 3.68 -26.19
CA ALA B 282 -30.58 3.71 -26.43
C ALA B 282 -31.05 2.28 -26.71
N THR B 283 -31.88 1.74 -25.81
CA THR B 283 -32.26 0.34 -25.88
C THR B 283 -33.02 0.05 -27.16
N THR B 284 -32.63 -1.04 -27.84
CA THR B 284 -33.35 -1.46 -29.04
C THR B 284 -34.78 -1.85 -28.71
N ALA B 285 -35.01 -2.36 -27.51
CA ALA B 285 -36.35 -2.65 -27.06
C ALA B 285 -37.10 -1.34 -26.84
N PRO B 286 -38.24 -1.12 -27.48
CA PRO B 286 -38.96 0.16 -27.32
C PRO B 286 -39.65 0.28 -25.98
N ALA B 287 -40.44 1.33 -25.80
CA ALA B 287 -41.17 1.55 -24.56
C ALA B 287 -42.17 0.42 -24.35
N THR B 288 -41.87 -0.46 -23.40
CA THR B 288 -42.70 -1.62 -23.10
C THR B 288 -43.04 -1.61 -21.62
N ALA B 289 -43.55 -2.72 -21.10
CA ALA B 289 -43.75 -2.86 -19.66
C ALA B 289 -42.42 -2.57 -18.98
N PRO B 290 -42.41 -1.70 -17.98
CA PRO B 290 -41.14 -1.15 -17.48
C PRO B 290 -40.19 -2.26 -17.03
N ARG B 291 -38.94 -2.15 -17.47
CA ARG B 291 -37.95 -3.16 -17.14
C ARG B 291 -37.37 -2.90 -15.75
N PRO B 292 -37.56 -3.81 -14.81
CA PRO B 292 -36.92 -3.67 -13.50
C PRO B 292 -35.42 -3.96 -13.62
N ALA B 293 -34.61 -2.98 -13.24
CA ALA B 293 -33.16 -3.14 -13.33
C ALA B 293 -32.70 -4.31 -12.48
N LYS B 294 -32.11 -5.32 -13.12
CA LYS B 294 -31.62 -6.47 -12.38
C LYS B 294 -30.48 -6.04 -11.46
N VAL B 295 -30.37 -6.72 -10.32
CA VAL B 295 -29.64 -6.18 -9.18
C VAL B 295 -28.27 -6.84 -9.11
N SER B 296 -27.22 -6.02 -9.11
CA SER B 296 -25.87 -6.47 -8.79
C SER B 296 -25.63 -6.23 -7.31
N PHE B 297 -24.85 -7.11 -6.68
CA PHE B 297 -24.58 -6.99 -5.25
C PHE B 297 -23.93 -5.65 -4.88
N ALA B 298 -23.41 -4.95 -5.88
CA ALA B 298 -23.01 -3.58 -5.65
C ALA B 298 -24.18 -2.64 -5.53
N ASN B 299 -25.40 -3.17 -5.39
CA ASN B 299 -26.58 -2.32 -5.22
C ASN B 299 -27.50 -2.83 -4.12
N THR B 300 -27.14 -3.90 -3.41
CA THR B 300 -27.86 -4.32 -2.22
C THR B 300 -27.19 -3.90 -0.92
N SER B 301 -26.04 -3.23 -0.98
CA SER B 301 -25.35 -2.86 0.25
C SER B 301 -26.13 -1.82 1.03
N GLY B 302 -26.61 -0.77 0.35
CA GLY B 302 -27.32 0.28 1.06
C GLY B 302 -28.55 -0.23 1.78
N ALA B 303 -29.33 -1.08 1.11
CA ALA B 303 -30.54 -1.61 1.73
C ALA B 303 -30.21 -2.45 2.95
N ALA B 304 -29.18 -3.29 2.86
CA ALA B 304 -28.81 -4.13 4.00
C ALA B 304 -28.30 -3.29 5.16
N LEU B 305 -27.52 -2.24 4.88
CA LEU B 305 -27.03 -1.38 5.94
C LEU B 305 -28.16 -0.63 6.62
N ALA B 306 -29.13 -0.13 5.83
CA ALA B 306 -30.29 0.53 6.43
C ALA B 306 -31.09 -0.45 7.28
N ALA B 307 -31.26 -1.69 6.78
CA ALA B 307 -31.97 -2.70 7.55
C ALA B 307 -31.27 -2.99 8.87
N TYR B 308 -29.94 -3.08 8.84
CA TYR B 308 -29.19 -3.30 10.08
C TYR B 308 -29.36 -2.13 11.04
N ARG B 309 -29.27 -0.90 10.54
CA ARG B 309 -29.37 0.25 11.42
C ARG B 309 -30.74 0.31 12.08
N GLU B 310 -31.80 0.06 11.31
CA GLU B 310 -33.13 0.04 11.90
C GLU B 310 -33.30 -1.14 12.85
N ARG B 311 -32.75 -2.30 12.49
CA ARG B 311 -32.94 -3.51 13.27
C ARG B 311 -32.28 -3.42 14.63
N THR B 312 -31.09 -2.83 14.69
CA THR B 312 -30.35 -2.76 15.95
C THR B 312 -30.44 -1.40 16.62
N GLY B 313 -30.51 -0.31 15.86
CA GLY B 313 -30.65 1.00 16.42
C GLY B 313 -29.35 1.75 16.67
N ARG B 314 -28.23 1.23 16.19
CA ARG B 314 -26.94 1.88 16.40
C ARG B 314 -26.83 3.08 15.47
N GLU B 315 -25.66 3.70 15.45
CA GLU B 315 -25.39 4.85 14.60
C GLU B 315 -24.31 4.48 13.60
N LEU B 316 -24.55 4.83 12.33
CA LEU B 316 -23.64 4.49 11.25
C LEU B 316 -22.96 5.74 10.72
N ALA B 317 -21.64 5.69 10.60
CA ALA B 317 -20.87 6.71 9.90
C ALA B 317 -20.32 6.06 8.64
N VAL B 318 -20.58 6.67 7.48
CA VAL B 318 -20.38 6.02 6.20
C VAL B 318 -19.42 6.88 5.37
N PHE B 319 -18.32 6.27 4.94
CA PHE B 319 -17.37 6.89 4.03
C PHE B 319 -17.05 5.90 2.92
N THR B 320 -17.09 6.34 1.67
CA THR B 320 -17.08 5.37 0.57
C THR B 320 -16.16 5.82 -0.56
N ALA B 321 -15.18 6.67 -0.27
CA ALA B 321 -14.14 7.04 -1.22
C ALA B 321 -14.72 7.56 -2.54
N ASP B 322 -15.87 8.22 -2.45
CA ASP B 322 -16.54 8.84 -3.60
C ASP B 322 -16.94 7.80 -4.64
N MET B 323 -17.64 6.76 -4.19
CA MET B 323 -18.23 5.76 -5.07
C MET B 323 -19.60 5.34 -4.58
N ALA B 324 -20.32 6.25 -3.92
CA ALA B 324 -21.63 5.91 -3.38
C ALA B 324 -22.60 5.53 -4.48
N ALA B 325 -22.60 6.27 -5.59
CA ALA B 325 -23.44 5.92 -6.73
C ALA B 325 -23.09 4.56 -7.33
N ARG B 326 -22.04 3.91 -6.84
CA ARG B 326 -21.63 2.60 -7.29
C ARG B 326 -21.95 1.49 -6.31
N PHE B 327 -22.06 1.81 -5.01
CA PHE B 327 -22.40 0.82 -4.00
C PHE B 327 -23.88 0.79 -3.69
N GLY B 328 -24.69 1.61 -4.36
CA GLY B 328 -26.11 1.67 -4.05
C GLY B 328 -26.43 2.32 -2.72
N LEU B 329 -25.43 2.89 -2.04
CA LEU B 329 -25.66 3.53 -0.76
C LEU B 329 -26.58 4.74 -0.88
N ARG B 330 -26.72 5.28 -2.08
CA ARG B 330 -27.58 6.44 -2.28
C ARG B 330 -29.02 6.12 -1.89
N ASP B 331 -29.67 7.08 -1.22
CA ASP B 331 -31.09 7.03 -0.91
C ASP B 331 -31.43 5.98 0.14
N LYS B 332 -30.43 5.26 0.64
CA LYS B 332 -30.66 4.21 1.62
C LYS B 332 -30.14 4.59 3.01
N VAL B 333 -28.90 5.06 3.11
CA VAL B 333 -28.33 5.51 4.38
C VAL B 333 -27.61 6.83 4.15
N PRO B 334 -27.55 7.71 5.14
CA PRO B 334 -26.76 8.92 4.99
C PRO B 334 -25.27 8.59 4.93
N TYR B 335 -24.53 9.44 4.22
CA TYR B 335 -23.10 9.25 4.07
C TYR B 335 -22.45 10.60 3.79
N THR B 336 -21.14 10.65 4.02
CA THR B 336 -20.35 11.85 3.75
C THR B 336 -19.26 11.49 2.74
N ASN B 337 -19.16 12.28 1.68
CA ASN B 337 -18.26 11.99 0.58
C ASN B 337 -16.94 12.73 0.76
N THR B 338 -15.85 12.08 0.37
CA THR B 338 -14.51 12.60 0.57
C THR B 338 -13.76 12.87 -0.73
N GLY B 339 -14.25 12.39 -1.86
CA GLY B 339 -13.53 12.58 -3.12
C GLY B 339 -12.46 11.53 -3.34
N LEU B 340 -11.60 11.79 -4.32
CA LEU B 340 -10.52 10.87 -4.68
C LEU B 340 -9.41 10.95 -3.65
N ALA B 341 -9.70 10.42 -2.46
CA ALA B 341 -8.72 10.31 -1.38
C ALA B 341 -8.99 8.99 -0.67
N GLU B 342 -8.31 7.94 -1.12
CA GLU B 342 -8.62 6.59 -0.63
C GLU B 342 -8.01 6.34 0.75
N THR B 343 -6.82 6.88 1.02
CA THR B 343 -6.25 6.80 2.35
C THR B 343 -7.10 7.57 3.35
N LEU B 344 -7.62 8.72 2.93
CA LEU B 344 -8.41 9.57 3.81
C LEU B 344 -9.69 8.88 4.28
N SER B 345 -10.33 8.09 3.41
CA SER B 345 -11.54 7.38 3.79
C SER B 345 -11.30 6.51 5.02
N LEU B 346 -10.13 5.84 5.08
CA LEU B 346 -9.78 5.07 6.25
C LEU B 346 -9.31 5.97 7.40
N GLY B 347 -8.62 7.06 7.08
CA GLY B 347 -8.09 7.92 8.12
C GLY B 347 -9.15 8.58 8.97
N LEU B 348 -10.29 8.90 8.37
CA LEU B 348 -11.35 9.59 9.13
C LEU B 348 -11.84 8.78 10.31
N THR B 349 -11.69 7.45 10.28
CA THR B 349 -12.38 6.57 11.23
C THR B 349 -11.52 6.16 12.41
N LEU B 350 -10.63 7.04 12.89
CA LEU B 350 -9.86 6.75 14.09
C LEU B 350 -10.38 7.44 15.34
N SER B 351 -10.74 8.72 15.25
CA SER B 351 -11.13 9.45 16.45
C SER B 351 -12.61 9.28 16.76
N LEU B 352 -13.34 8.54 15.94
CA LEU B 352 -14.77 8.34 16.17
C LEU B 352 -14.99 7.56 17.47
N PRO B 353 -16.13 7.75 18.11
CA PRO B 353 -16.38 7.06 19.39
C PRO B 353 -16.39 5.55 19.21
N GLU B 354 -16.00 4.86 20.28
CA GLU B 354 -15.94 3.41 20.27
C GLU B 354 -17.33 2.79 20.16
N GLU B 355 -18.39 3.56 20.39
CA GLU B 355 -19.75 3.06 20.36
C GLU B 355 -20.43 3.23 19.00
N THR B 356 -19.74 3.81 18.01
CA THR B 356 -20.33 4.11 16.71
C THR B 356 -19.76 3.19 15.67
N VAL B 357 -20.63 2.47 14.96
CA VAL B 357 -20.20 1.54 13.93
C VAL B 357 -19.91 2.33 12.65
N LYS B 358 -18.79 2.01 12.00
CA LYS B 358 -18.28 2.76 10.86
C LYS B 358 -18.06 1.81 9.69
N VAL B 359 -18.26 2.33 8.47
CA VAL B 359 -18.09 1.55 7.26
C VAL B 359 -17.25 2.35 6.28
N VAL B 360 -16.27 1.70 5.65
CA VAL B 360 -15.48 2.27 4.57
C VAL B 360 -15.57 1.32 3.37
N ALA B 361 -15.88 1.86 2.21
CA ALA B 361 -16.19 1.05 1.04
C ALA B 361 -15.57 1.65 -0.21
N THR B 362 -15.09 0.78 -1.09
CA THR B 362 -14.62 1.20 -2.42
C THR B 362 -14.24 -0.05 -3.21
N ASP B 363 -13.80 0.18 -4.45
CA ASP B 363 -13.16 -0.88 -5.21
C ASP B 363 -11.88 -1.29 -4.50
N ALA B 364 -11.70 -2.60 -4.31
CA ALA B 364 -10.61 -3.10 -3.50
C ALA B 364 -9.24 -2.67 -4.04
N MET B 365 -9.12 -2.58 -5.37
CA MET B 365 -7.85 -2.28 -6.02
C MET B 365 -7.38 -0.85 -5.81
N TYR B 366 -8.04 -0.08 -4.97
CA TYR B 366 -7.50 1.20 -4.55
C TYR B 366 -6.78 1.11 -3.20
N TYR B 367 -7.17 0.13 -2.37
CA TYR B 367 -6.56 -0.02 -1.05
C TYR B 367 -5.06 -0.28 -1.13
N MET B 368 -4.56 -0.72 -2.29
CA MET B 368 -3.11 -0.85 -2.46
C MET B 368 -2.37 0.40 -2.01
N ASP B 369 -3.00 1.56 -2.10
CA ASP B 369 -2.29 2.79 -1.79
C ASP B 369 -2.38 3.22 -0.33
N SER B 370 -3.06 2.45 0.53
CA SER B 370 -3.27 2.91 1.89
C SER B 370 -3.11 1.81 2.94
N LEU B 371 -2.50 0.69 2.57
CA LEU B 371 -2.39 -0.44 3.50
C LEU B 371 -1.79 -0.02 4.82
N SER B 372 -0.73 0.80 4.79
CA SER B 372 -0.11 1.26 6.04
C SER B 372 -1.15 1.89 6.95
N MET B 373 -1.92 2.85 6.42
CA MET B 373 -2.94 3.47 7.25
C MET B 373 -3.91 2.42 7.77
N LEU B 374 -4.28 1.47 6.92
CA LEU B 374 -5.16 0.39 7.35
C LEU B 374 -4.54 -0.40 8.49
N THR B 375 -3.24 -0.73 8.39
CA THR B 375 -2.64 -1.54 9.44
C THR B 375 -2.40 -0.74 10.71
N GLU B 376 -2.84 0.52 10.75
CA GLU B 376 -2.99 1.18 12.04
C GLU B 376 -4.41 1.03 12.56
N ALA B 377 -5.41 1.26 11.71
CA ALA B 377 -6.79 1.32 12.16
C ALA B 377 -7.22 0.00 12.77
N THR B 378 -6.87 -1.12 12.12
CA THR B 378 -7.30 -2.43 12.60
C THR B 378 -6.75 -2.74 13.97
N THR B 379 -5.86 -1.88 14.49
CA THR B 379 -5.31 -2.05 15.82
C THR B 379 -5.75 -0.98 16.81
N SER B 380 -6.26 0.16 16.34
CA SER B 380 -6.60 1.27 17.24
C SER B 380 -8.06 1.65 17.21
N VAL B 381 -8.89 1.02 16.39
CA VAL B 381 -10.30 1.35 16.28
C VAL B 381 -11.11 0.08 16.39
N ARG B 382 -12.35 0.21 16.85
CA ARG B 382 -13.28 -0.90 16.92
C ARG B 382 -14.58 -0.53 16.20
N ASN B 383 -15.36 -1.56 15.88
CA ASN B 383 -16.59 -1.42 15.09
C ASN B 383 -16.28 -0.81 13.72
N LEU B 384 -15.49 -1.55 12.95
CA LEU B 384 -15.07 -1.12 11.62
C LEU B 384 -15.51 -2.16 10.60
N LEU B 385 -16.08 -1.71 9.49
CA LEU B 385 -16.51 -2.58 8.41
C LEU B 385 -15.87 -2.10 7.11
N VAL B 386 -15.34 -3.05 6.34
CA VAL B 386 -14.65 -2.75 5.08
C VAL B 386 -15.39 -3.42 3.95
N LEU B 387 -15.71 -2.65 2.91
CA LEU B 387 -16.39 -3.16 1.73
C LEU B 387 -15.46 -3.03 0.53
N ALA B 388 -15.12 -4.18 -0.07
CA ALA B 388 -14.14 -4.27 -1.15
C ALA B 388 -14.84 -4.80 -2.40
N GLY B 389 -15.30 -3.88 -3.25
CA GLY B 389 -15.96 -4.28 -4.47
C GLY B 389 -14.99 -4.82 -5.50
N ARG B 390 -15.54 -5.50 -6.49
CA ARG B 390 -14.76 -6.10 -7.58
C ARG B 390 -15.35 -5.66 -8.91
N SER B 391 -14.63 -4.82 -9.63
CA SER B 391 -15.01 -4.44 -11.00
C SER B 391 -13.85 -4.83 -11.91
N TRP B 392 -13.82 -6.11 -12.30
CA TRP B 392 -12.87 -6.56 -13.31
C TRP B 392 -13.51 -6.42 -14.70
N GLY B 393 -13.98 -5.21 -14.95
CA GLY B 393 -14.64 -4.86 -16.18
C GLY B 393 -13.66 -4.44 -17.26
N ALA B 394 -14.12 -3.53 -18.11
CA ALA B 394 -13.34 -3.13 -19.27
C ALA B 394 -12.03 -2.45 -18.90
N TRP B 395 -11.86 -2.02 -17.66
CA TRP B 395 -10.73 -1.17 -17.31
C TRP B 395 -9.51 -1.94 -16.84
N GLY B 396 -9.70 -2.99 -16.05
CA GLY B 396 -8.59 -3.78 -15.58
C GLY B 396 -8.82 -4.19 -14.16
N GLY B 397 -7.76 -4.71 -13.54
CA GLY B 397 -7.87 -5.13 -12.16
C GLY B 397 -6.56 -5.60 -11.56
N ALA B 398 -6.37 -5.33 -10.27
CA ALA B 398 -5.28 -5.92 -9.50
C ALA B 398 -5.86 -7.12 -8.77
N HIS B 399 -5.53 -8.30 -9.22
CA HIS B 399 -6.17 -9.50 -8.69
C HIS B 399 -5.70 -9.86 -7.32
N ASN B 400 -4.95 -8.99 -6.63
CA ASN B 400 -4.39 -9.33 -5.33
C ASN B 400 -5.01 -8.55 -4.19
N ALA B 401 -5.91 -7.60 -4.47
CA ALA B 401 -6.40 -6.70 -3.43
C ALA B 401 -7.00 -7.44 -2.25
N THR B 402 -7.87 -8.41 -2.50
CA THR B 402 -8.45 -9.19 -1.41
C THR B 402 -7.37 -9.97 -0.66
N ASN B 403 -6.45 -10.59 -1.39
CA ASN B 403 -5.42 -11.41 -0.75
C ASN B 403 -4.53 -10.56 0.15
N LEU B 404 -4.24 -9.32 -0.25
CA LEU B 404 -3.45 -8.47 0.63
C LEU B 404 -4.27 -7.92 1.78
N LEU B 405 -5.55 -7.62 1.55
CA LEU B 405 -6.40 -7.14 2.63
C LEU B 405 -6.55 -8.20 3.72
N GLY B 406 -6.53 -9.48 3.33
CA GLY B 406 -6.70 -10.54 4.28
C GLY B 406 -5.44 -11.01 4.98
N GLN B 407 -4.32 -10.31 4.79
CA GLN B 407 -3.06 -10.67 5.42
C GLN B 407 -2.56 -9.60 6.38
N LEU B 408 -3.36 -8.57 6.64
CA LEU B 408 -2.97 -7.57 7.62
C LEU B 408 -3.27 -8.11 9.02
N LEU B 409 -3.20 -7.25 10.02
CA LEU B 409 -3.26 -7.66 11.41
C LEU B 409 -4.68 -7.52 11.94
N HIS B 410 -5.23 -8.62 12.45
CA HIS B 410 -6.56 -8.66 13.06
C HIS B 410 -7.64 -8.28 12.04
N THR B 411 -7.66 -8.99 10.92
CA THR B 411 -8.60 -8.71 9.84
C THR B 411 -9.22 -10.00 9.34
N ARG B 412 -10.53 -9.96 9.07
CA ARG B 412 -11.24 -11.07 8.46
C ARG B 412 -11.84 -10.60 7.14
N VAL B 413 -11.98 -11.54 6.20
CA VAL B 413 -12.44 -11.22 4.85
C VAL B 413 -13.56 -12.18 4.46
N TYR B 414 -14.63 -11.64 3.86
CA TYR B 414 -15.81 -12.42 3.50
C TYR B 414 -16.27 -12.04 2.10
N GLU B 415 -16.95 -12.99 1.43
CA GLU B 415 -17.56 -12.77 0.12
C GLU B 415 -18.99 -13.31 0.13
N PRO B 416 -19.93 -12.55 0.68
CA PRO B 416 -21.32 -13.02 0.69
C PRO B 416 -21.92 -13.00 -0.70
N VAL B 417 -22.84 -13.94 -0.94
CA VAL B 417 -23.49 -14.04 -2.25
C VAL B 417 -25.00 -14.14 -2.11
N THR B 418 -25.55 -13.66 -1.00
CA THR B 418 -27.00 -13.66 -0.79
C THR B 418 -27.36 -12.44 0.04
N ALA B 419 -28.56 -12.44 0.62
CA ALA B 419 -28.98 -11.40 1.54
C ALA B 419 -28.90 -11.85 2.99
N ALA B 420 -28.98 -13.16 3.25
CA ALA B 420 -28.82 -13.65 4.61
C ALA B 420 -27.37 -13.64 5.05
N GLU B 421 -26.45 -13.99 4.14
CA GLU B 421 -25.03 -13.93 4.48
C GLU B 421 -24.61 -12.51 4.83
N PHE B 422 -25.10 -11.52 4.07
CA PHE B 422 -24.75 -10.13 4.36
C PHE B 422 -25.29 -9.71 5.71
N ALA B 423 -26.51 -10.14 6.04
CA ALA B 423 -27.09 -9.80 7.33
C ALA B 423 -26.30 -10.43 8.48
N ALA B 424 -25.88 -11.69 8.32
CA ALA B 424 -25.07 -12.32 9.36
C ALA B 424 -23.72 -11.62 9.51
N CYS B 425 -23.12 -11.19 8.39
CA CYS B 425 -21.86 -10.45 8.47
C CYS B 425 -22.05 -9.12 9.19
N LEU B 426 -23.19 -8.46 8.95
CA LEU B 426 -23.50 -7.25 9.72
C LEU B 426 -23.65 -7.57 11.21
N ASP B 427 -24.33 -8.66 11.52
CA ASP B 427 -24.50 -9.08 12.91
C ASP B 427 -23.16 -9.36 13.58
N ARG B 428 -22.16 -9.78 12.79
CA ARG B 428 -20.86 -10.15 13.36
C ARG B 428 -20.24 -9.03 14.18
N LEU B 429 -20.54 -7.78 13.87
CA LEU B 429 -19.83 -6.70 14.56
C LEU B 429 -20.26 -6.49 15.99
N ASP B 430 -21.02 -7.38 16.61
CA ASP B 430 -21.22 -7.35 18.05
C ASP B 430 -20.59 -8.54 18.76
N ARG B 431 -20.23 -9.61 18.04
CA ARG B 431 -19.58 -10.77 18.62
C ARG B 431 -18.06 -10.65 18.60
N HIS B 432 -17.50 -9.89 17.66
CA HIS B 432 -16.06 -9.69 17.54
C HIS B 432 -15.78 -8.20 17.51
N PRO B 433 -15.98 -7.51 18.62
CA PRO B 433 -15.87 -6.04 18.60
C PRO B 433 -14.45 -5.54 18.37
N ASP B 434 -13.49 -6.45 18.22
CA ASP B 434 -12.10 -6.07 18.05
C ASP B 434 -11.53 -6.34 16.67
N THR B 435 -11.93 -7.44 16.02
CA THR B 435 -11.37 -7.82 14.73
C THR B 435 -12.10 -7.09 13.62
N THR B 436 -11.36 -6.38 12.77
CA THR B 436 -11.95 -5.62 11.68
C THR B 436 -12.44 -6.58 10.59
N HIS B 437 -13.67 -6.35 10.13
CA HIS B 437 -14.31 -7.19 9.14
C HIS B 437 -14.27 -6.53 7.77
N VAL B 438 -14.08 -7.34 6.73
CA VAL B 438 -14.02 -6.88 5.35
C VAL B 438 -15.03 -7.68 4.54
N VAL B 439 -15.80 -7.00 3.69
CA VAL B 439 -16.81 -7.62 2.84
C VAL B 439 -16.44 -7.37 1.39
N SER B 440 -16.48 -8.42 0.58
CA SER B 440 -16.15 -8.34 -0.84
C SER B 440 -17.42 -8.56 -1.65
N THR B 441 -17.93 -7.49 -2.25
CA THR B 441 -19.20 -7.52 -2.99
C THR B 441 -18.91 -7.52 -4.48
N VAL B 442 -19.45 -8.51 -5.19
CA VAL B 442 -19.20 -8.70 -6.61
C VAL B 442 -20.04 -7.70 -7.40
N ASP B 443 -19.71 -7.53 -8.69
CA ASP B 443 -20.51 -6.74 -9.61
C ASP B 443 -21.46 -7.59 -10.45
N ALA B 444 -21.47 -8.91 -10.23
CA ALA B 444 -22.15 -9.80 -11.15
C ALA B 444 -23.66 -9.58 -11.14
N LYS B 445 -24.29 -9.94 -12.26
CA LYS B 445 -25.74 -9.89 -12.43
C LYS B 445 -26.23 -11.33 -12.45
N PHE B 446 -26.91 -11.75 -11.39
CA PHE B 446 -27.26 -13.16 -11.29
C PHE B 446 -28.42 -13.35 -10.35
N ASP B 447 -29.15 -14.45 -10.55
CA ASP B 447 -30.23 -14.82 -9.65
C ASP B 447 -29.66 -15.38 -8.35
N PRO B 448 -30.31 -15.13 -7.22
CA PRO B 448 -29.79 -15.63 -5.94
C PRO B 448 -29.68 -17.15 -5.93
N PRO B 449 -28.61 -17.67 -5.35
CA PRO B 449 -28.49 -19.12 -5.21
C PRO B 449 -29.52 -19.66 -4.23
N PRO B 450 -29.91 -20.93 -4.35
CA PRO B 450 -30.94 -21.47 -3.47
C PRO B 450 -30.61 -21.38 -1.99
N ALA B 451 -29.48 -21.98 -1.59
CA ALA B 451 -29.07 -22.01 -0.19
C ALA B 451 -27.75 -21.27 -0.03
N ASP B 452 -27.45 -20.88 1.20
CA ASP B 452 -26.26 -20.13 1.52
C ASP B 452 -25.82 -20.48 2.93
N CYS B 453 -24.84 -19.73 3.43
CA CYS B 453 -24.43 -19.82 4.83
C CYS B 453 -25.25 -18.80 5.61
N ALA B 454 -26.34 -19.26 6.22
CA ALA B 454 -27.31 -18.34 6.82
C ALA B 454 -26.72 -17.65 8.04
N GLY B 455 -26.37 -18.41 9.06
CA GLY B 455 -25.87 -17.83 10.30
C GLY B 455 -24.45 -18.24 10.64
N ASP B 456 -24.03 -19.42 10.20
CA ASP B 456 -22.69 -19.93 10.44
C ASP B 456 -21.83 -19.58 9.23
N VAL B 457 -21.57 -18.29 9.07
CA VAL B 457 -20.84 -17.81 7.89
C VAL B 457 -19.45 -18.41 7.82
N ASP B 458 -18.75 -18.49 8.96
CA ASP B 458 -17.39 -18.99 8.98
C ASP B 458 -17.30 -20.51 8.82
N GLY B 459 -18.41 -21.17 8.49
CA GLY B 459 -18.41 -22.60 8.23
C GLY B 459 -18.58 -22.92 6.75
N GLY B 460 -18.87 -24.19 6.49
CA GLY B 460 -19.06 -24.69 5.14
C GLY B 460 -20.50 -25.15 4.95
N THR B 461 -21.10 -24.69 3.86
CA THR B 461 -22.47 -25.05 3.51
C THR B 461 -22.47 -25.87 2.24
N TRP B 462 -23.02 -27.07 2.31
CA TRP B 462 -23.17 -27.90 1.12
C TRP B 462 -24.24 -27.31 0.21
N LEU B 463 -23.88 -26.99 -1.03
CA LEU B 463 -24.88 -26.61 -2.01
C LEU B 463 -25.35 -27.81 -2.83
N THR B 464 -24.52 -28.85 -2.93
CA THR B 464 -24.93 -30.15 -3.42
C THR B 464 -24.29 -31.18 -2.50
N PRO B 465 -25.03 -31.69 -1.52
CA PRO B 465 -24.43 -32.57 -0.51
C PRO B 465 -23.82 -33.80 -1.16
N PRO B 466 -22.67 -34.24 -0.67
CA PRO B 466 -22.02 -35.42 -1.26
C PRO B 466 -22.83 -36.68 -1.03
N GLY B 467 -22.75 -37.58 -2.00
CA GLY B 467 -23.46 -38.85 -1.91
C GLY B 467 -22.78 -39.79 -0.93
N ASP B 468 -23.42 -40.95 -0.75
CA ASP B 468 -22.89 -41.96 0.15
C ASP B 468 -21.90 -42.86 -0.59
N GLY B 469 -21.13 -43.62 0.19
CA GLY B 469 -20.10 -44.47 -0.35
C GLY B 469 -18.75 -43.79 -0.35
N PRO B 470 -17.80 -44.35 -1.07
CA PRO B 470 -16.46 -43.73 -1.15
C PRO B 470 -16.48 -42.49 -2.01
N PRO B 471 -16.26 -41.31 -1.42
CA PRO B 471 -16.25 -40.08 -2.22
C PRO B 471 -15.07 -40.05 -3.18
N ARG B 472 -15.36 -40.04 -4.49
CA ARG B 472 -14.27 -40.08 -5.46
C ARG B 472 -13.71 -38.68 -5.74
N ALA B 473 -14.57 -37.67 -5.76
CA ALA B 473 -14.14 -36.31 -6.08
C ALA B 473 -15.08 -35.31 -5.42
N ALA B 474 -14.59 -34.08 -5.30
CA ALA B 474 -15.37 -32.98 -4.74
C ALA B 474 -14.79 -31.68 -5.25
N VAL B 475 -15.58 -30.62 -5.13
CA VAL B 475 -15.16 -29.28 -5.53
C VAL B 475 -15.45 -28.33 -4.38
N VAL B 476 -14.49 -27.46 -4.08
CA VAL B 476 -14.62 -26.45 -3.03
C VAL B 476 -14.56 -25.09 -3.68
N THR B 477 -15.51 -24.22 -3.35
CA THR B 477 -15.65 -22.94 -4.01
C THR B 477 -15.66 -21.82 -2.97
N PHE B 478 -15.67 -20.59 -3.48
CA PHE B 478 -15.53 -19.39 -2.66
C PHE B 478 -16.30 -18.21 -3.24
N GLY B 479 -17.48 -17.95 -2.69
CA GLY B 479 -18.19 -16.73 -3.01
C GLY B 479 -18.88 -16.75 -4.37
N TYR B 480 -18.52 -15.79 -5.22
CA TYR B 480 -19.22 -15.65 -6.50
C TYR B 480 -19.09 -16.92 -7.34
N ALA B 481 -17.90 -17.53 -7.34
CA ALA B 481 -17.72 -18.78 -8.07
C ALA B 481 -18.72 -19.83 -7.63
N GLY B 482 -19.08 -19.84 -6.35
CA GLY B 482 -20.10 -20.77 -5.88
C GLY B 482 -21.40 -20.63 -6.65
N VAL B 483 -21.82 -19.39 -6.89
CA VAL B 483 -22.95 -19.18 -7.80
C VAL B 483 -22.61 -19.70 -9.18
N LEU B 484 -21.47 -19.28 -9.72
CA LEU B 484 -21.14 -19.56 -11.10
C LEU B 484 -21.01 -21.06 -11.36
N VAL B 485 -20.40 -21.78 -10.42
CA VAL B 485 -20.32 -23.23 -10.56
C VAL B 485 -21.70 -23.86 -10.40
N ALA B 486 -22.54 -23.29 -9.53
CA ALA B 486 -23.84 -23.88 -9.27
C ALA B 486 -24.66 -24.01 -10.55
N GLU B 487 -24.72 -22.93 -11.34
CA GLU B 487 -25.47 -22.98 -12.59
C GLU B 487 -24.90 -24.01 -13.56
N ALA B 488 -23.62 -24.33 -13.42
CA ALA B 488 -23.01 -25.34 -14.27
C ALA B 488 -22.98 -26.73 -13.63
N ASN B 489 -23.57 -26.88 -12.44
CA ASN B 489 -23.58 -28.16 -11.75
C ASN B 489 -24.97 -28.77 -11.64
N ARG B 490 -26.02 -28.03 -11.99
CA ARG B 490 -27.38 -28.55 -11.86
C ARG B 490 -27.59 -29.82 -12.66
N ASP B 491 -26.79 -30.04 -13.70
CA ASP B 491 -26.86 -31.27 -14.47
C ASP B 491 -26.05 -32.40 -13.84
N LEU B 492 -24.76 -32.17 -13.57
CA LEU B 492 -23.92 -33.23 -13.00
C LEU B 492 -24.21 -33.46 -11.53
N GLY B 493 -24.45 -32.40 -10.77
CA GLY B 493 -24.63 -32.54 -9.33
C GLY B 493 -23.39 -32.97 -8.60
N VAL B 494 -22.23 -32.44 -8.98
CA VAL B 494 -20.97 -32.77 -8.30
C VAL B 494 -21.03 -32.24 -6.88
N PRO B 495 -20.58 -33.01 -5.87
CA PRO B 495 -20.58 -32.52 -4.49
C PRO B 495 -19.88 -31.18 -4.35
N HIS B 496 -20.64 -30.15 -4.00
CA HIS B 496 -20.16 -28.77 -4.06
C HIS B 496 -20.33 -28.11 -2.70
N LEU B 497 -19.26 -27.48 -2.22
CA LEU B 497 -19.21 -26.89 -0.89
C LEU B 497 -18.91 -25.40 -1.03
N HIS B 498 -19.72 -24.58 -0.39
CA HIS B 498 -19.53 -23.14 -0.42
C HIS B 498 -19.04 -22.65 0.93
N CYS B 499 -18.26 -21.58 0.92
CA CYS B 499 -17.69 -20.99 2.11
C CYS B 499 -17.54 -19.50 1.89
N ALA B 500 -18.20 -18.70 2.74
CA ALA B 500 -18.20 -17.25 2.59
C ALA B 500 -17.08 -16.59 3.38
N ALA B 501 -15.99 -17.30 3.61
CA ALA B 501 -14.90 -16.79 4.43
C ALA B 501 -13.56 -17.11 3.77
N LEU B 502 -12.77 -16.08 3.51
CA LEU B 502 -11.45 -16.28 2.92
C LEU B 502 -10.56 -17.14 3.79
N GLU B 503 -10.84 -17.19 5.09
CA GLU B 503 -10.10 -18.02 6.04
C GLU B 503 -11.12 -18.85 6.81
N PRO B 504 -11.73 -19.83 6.17
CA PRO B 504 -12.84 -20.54 6.78
C PRO B 504 -12.39 -21.41 7.95
N ASP B 505 -13.29 -21.58 8.91
CA ASP B 505 -13.07 -22.47 10.05
C ASP B 505 -13.83 -23.76 9.79
N LEU B 506 -13.28 -24.59 8.90
CA LEU B 506 -13.90 -25.87 8.61
C LEU B 506 -13.70 -26.82 9.79
N ASP B 507 -14.74 -27.61 10.08
CA ASP B 507 -14.76 -28.43 11.28
C ASP B 507 -14.39 -29.87 10.96
N ALA B 508 -14.53 -30.74 11.96
CA ALA B 508 -13.98 -32.09 11.88
C ALA B 508 -14.72 -32.95 10.85
N ARG B 509 -16.06 -32.95 10.88
CA ARG B 509 -16.82 -33.80 9.97
C ARG B 509 -16.60 -33.37 8.53
N THR B 510 -16.63 -32.06 8.26
CA THR B 510 -16.47 -31.56 6.90
C THR B 510 -15.11 -31.93 6.34
N LEU B 511 -14.05 -31.63 7.08
CA LEU B 511 -12.71 -31.96 6.61
C LEU B 511 -12.53 -33.46 6.48
N ALA B 512 -13.07 -34.23 7.41
CA ALA B 512 -12.93 -35.68 7.37
C ALA B 512 -13.55 -36.26 6.11
N GLN B 513 -14.79 -35.84 5.78
CA GLN B 513 -15.40 -36.33 4.57
C GLN B 513 -14.79 -35.72 3.31
N LEU B 514 -14.11 -34.58 3.44
CA LEU B 514 -13.41 -34.00 2.31
C LEU B 514 -12.11 -34.72 1.98
N GLY B 515 -11.43 -35.24 3.00
CA GLY B 515 -10.12 -35.83 2.78
C GLY B 515 -10.15 -37.19 2.12
N ALA B 516 -11.22 -37.95 2.33
CA ALA B 516 -11.33 -39.27 1.71
C ALA B 516 -11.46 -39.18 0.18
N CYS B 517 -11.75 -38.00 -0.35
CA CYS B 517 -11.82 -37.84 -1.80
C CYS B 517 -10.45 -38.01 -2.42
N GLU B 518 -10.42 -38.65 -3.59
CA GLU B 518 -9.14 -38.91 -4.27
C GLU B 518 -8.58 -37.66 -4.91
N ASP B 519 -9.44 -36.77 -5.41
CA ASP B 519 -9.00 -35.52 -6.01
C ASP B 519 -9.87 -34.38 -5.53
N LEU B 520 -9.23 -33.24 -5.25
CA LEU B 520 -9.91 -32.04 -4.80
C LEU B 520 -9.58 -30.89 -5.73
N LEU B 521 -10.57 -30.06 -6.04
CA LEU B 521 -10.37 -28.87 -6.85
C LEU B 521 -10.93 -27.67 -6.12
N THR B 522 -10.28 -26.52 -6.29
CA THR B 522 -10.78 -25.25 -5.80
C THR B 522 -11.09 -24.36 -6.99
N VAL B 523 -12.21 -23.67 -6.94
CA VAL B 523 -12.63 -22.74 -7.99
C VAL B 523 -12.88 -21.41 -7.31
N GLU B 524 -11.87 -20.55 -7.28
CA GLU B 524 -11.92 -19.26 -6.64
C GLU B 524 -11.84 -18.17 -7.70
N TYR B 525 -12.68 -17.15 -7.57
CA TYR B 525 -12.68 -16.03 -8.49
C TYR B 525 -11.89 -14.85 -7.95
N ASN B 526 -10.84 -15.12 -7.20
CA ASN B 526 -9.92 -14.11 -6.71
C ASN B 526 -8.50 -14.48 -7.14
N GLY B 527 -7.53 -13.75 -6.61
CA GLY B 527 -6.14 -14.00 -6.98
C GLY B 527 -5.65 -15.31 -6.40
N VAL B 528 -4.95 -16.08 -7.24
CA VAL B 528 -4.40 -17.35 -6.79
C VAL B 528 -3.32 -17.15 -5.74
N HIS B 529 -2.44 -16.18 -5.94
CA HIS B 529 -1.39 -15.92 -4.96
C HIS B 529 -2.01 -15.49 -3.64
N GLY B 530 -1.71 -16.21 -2.58
CA GLY B 530 -2.29 -15.89 -1.28
C GLY B 530 -3.80 -15.96 -1.27
N GLY B 531 -4.37 -17.03 -1.83
CA GLY B 531 -5.80 -17.12 -1.98
C GLY B 531 -6.41 -18.39 -1.43
N PHE B 532 -7.73 -18.51 -1.61
CA PHE B 532 -8.52 -19.52 -0.89
C PHE B 532 -7.93 -20.92 -1.03
N GLY B 533 -7.55 -21.29 -2.25
CA GLY B 533 -7.04 -22.64 -2.46
C GLY B 533 -5.77 -22.93 -1.69
N GLU B 534 -4.77 -22.06 -1.83
CA GLU B 534 -3.51 -22.32 -1.13
C GLU B 534 -3.61 -22.02 0.37
N ARG B 535 -4.51 -21.15 0.80
CA ARG B 535 -4.75 -21.02 2.24
C ARG B 535 -5.32 -22.31 2.81
N LEU B 536 -6.25 -22.95 2.10
CA LEU B 536 -6.69 -24.28 2.52
C LEU B 536 -5.53 -25.26 2.52
N ARG B 537 -4.69 -25.21 1.48
CA ARG B 537 -3.55 -26.12 1.40
C ARG B 537 -2.63 -25.98 2.61
N THR B 538 -2.31 -24.75 2.99
CA THR B 538 -1.36 -24.54 4.07
C THR B 538 -2.00 -24.76 5.44
N THR B 539 -3.27 -24.45 5.62
CA THR B 539 -3.89 -24.63 6.93
C THR B 539 -4.22 -26.10 7.19
N TYR B 540 -4.71 -26.82 6.19
CA TYR B 540 -5.24 -28.15 6.41
C TYR B 540 -4.53 -29.27 5.67
N LEU B 541 -3.47 -28.95 4.92
CA LEU B 541 -2.67 -29.97 4.22
C LEU B 541 -3.55 -30.78 3.26
N LEU B 542 -4.13 -30.07 2.29
CA LEU B 542 -5.08 -30.65 1.36
C LEU B 542 -4.44 -30.81 -0.01
N PRO B 543 -4.24 -32.02 -0.51
CA PRO B 543 -3.72 -32.18 -1.87
C PRO B 543 -4.73 -31.77 -2.92
N ALA B 544 -4.91 -30.47 -3.11
CA ALA B 544 -5.98 -29.93 -3.95
C ALA B 544 -5.42 -29.06 -5.06
N ARG B 545 -5.97 -29.24 -6.27
CA ARG B 545 -5.65 -28.36 -7.37
C ARG B 545 -6.32 -27.01 -7.19
N VAL B 546 -5.69 -25.97 -7.74
CA VAL B 546 -6.22 -24.62 -7.70
C VAL B 546 -6.39 -24.14 -9.14
N HIS B 547 -7.53 -23.49 -9.40
CA HIS B 547 -7.79 -22.89 -10.71
C HIS B 547 -8.52 -21.56 -10.45
N GLY B 548 -7.75 -20.49 -10.34
CA GLY B 548 -8.32 -19.17 -10.14
C GLY B 548 -7.80 -18.17 -11.14
N VAL B 549 -7.82 -16.90 -10.79
CA VAL B 549 -7.25 -15.87 -11.65
C VAL B 549 -5.74 -16.04 -11.64
N ARG B 550 -5.18 -16.57 -12.73
CA ARG B 550 -3.75 -16.87 -12.75
C ARG B 550 -2.92 -15.68 -13.22
N GLN B 551 -3.16 -15.22 -14.44
CA GLN B 551 -2.39 -14.13 -15.01
C GLN B 551 -2.98 -12.79 -14.58
N ASP B 552 -2.54 -11.71 -15.20
CA ASP B 552 -3.06 -10.39 -14.86
C ASP B 552 -4.43 -10.18 -15.49
N ILE B 553 -5.11 -9.14 -15.01
CA ILE B 553 -6.46 -8.83 -15.45
C ILE B 553 -6.38 -8.02 -16.75
N ALA B 554 -6.99 -8.54 -17.80
CA ALA B 554 -7.04 -7.86 -19.08
C ALA B 554 -8.15 -6.82 -19.07
N ASN B 555 -8.31 -6.11 -20.18
CA ASN B 555 -9.28 -5.03 -20.30
C ASN B 555 -10.36 -5.45 -21.30
N ARG B 556 -11.36 -6.16 -20.80
CA ARG B 556 -12.50 -6.62 -21.59
C ARG B 556 -13.76 -6.45 -20.76
N VAL B 557 -14.91 -6.59 -21.41
CA VAL B 557 -16.16 -6.59 -20.67
C VAL B 557 -16.30 -7.93 -19.95
N HIS B 558 -17.25 -8.01 -19.02
CA HIS B 558 -17.23 -9.09 -18.04
C HIS B 558 -17.39 -10.45 -18.70
N ASP B 559 -18.23 -10.55 -19.73
CA ASP B 559 -18.48 -11.86 -20.34
C ASP B 559 -17.22 -12.41 -21.01
N ARG B 560 -16.60 -11.62 -21.88
CA ARG B 560 -15.38 -12.07 -22.55
C ARG B 560 -14.27 -12.31 -21.54
N GLN B 561 -14.24 -11.56 -20.44
CA GLN B 561 -13.25 -11.79 -19.41
C GLN B 561 -13.47 -13.11 -18.69
N LEU B 562 -14.73 -13.44 -18.37
CA LEU B 562 -15.03 -14.77 -17.84
C LEU B 562 -14.58 -15.85 -18.79
N ARG B 563 -14.73 -15.60 -20.10
CA ARG B 563 -14.22 -16.55 -21.07
C ARG B 563 -12.70 -16.64 -21.01
N LEU B 564 -12.02 -15.53 -20.71
CA LEU B 564 -10.57 -15.48 -20.80
C LEU B 564 -9.89 -16.29 -19.72
N HIS B 565 -10.29 -16.12 -18.46
CA HIS B 565 -9.62 -16.79 -17.35
C HIS B 565 -9.99 -18.23 -17.21
N GLY B 566 -10.65 -18.83 -18.19
CA GLY B 566 -11.18 -20.16 -18.00
C GLY B 566 -12.27 -20.18 -16.96
N MET B 567 -13.13 -19.15 -16.96
CA MET B 567 -14.20 -19.02 -15.98
C MET B 567 -15.57 -18.89 -16.65
N GLY B 568 -15.66 -19.25 -17.93
CA GLY B 568 -16.91 -19.18 -18.64
C GLY B 568 -17.71 -20.45 -18.46
N PRO B 569 -19.02 -20.37 -18.66
CA PRO B 569 -19.87 -21.54 -18.41
C PRO B 569 -19.45 -22.77 -19.19
N GLU B 570 -19.03 -22.59 -20.45
CA GLU B 570 -18.59 -23.73 -21.24
C GLU B 570 -17.31 -24.34 -20.67
N GLN B 571 -16.30 -23.51 -20.41
CA GLN B 571 -15.04 -24.02 -19.89
C GLN B 571 -15.18 -24.54 -18.47
N LEU B 572 -15.99 -23.88 -17.64
CA LEU B 572 -16.27 -24.40 -16.31
C LEU B 572 -16.96 -25.75 -16.38
N ASP B 573 -17.93 -25.89 -17.29
CA ASP B 573 -18.57 -27.19 -17.44
C ASP B 573 -17.57 -28.24 -17.92
N ALA B 574 -16.67 -27.86 -18.82
CA ALA B 574 -15.65 -28.80 -19.28
C ALA B 574 -14.76 -29.24 -18.12
N LEU B 575 -14.40 -28.31 -17.26
CA LEU B 575 -13.61 -28.64 -16.08
C LEU B 575 -14.41 -29.56 -15.15
N LEU B 576 -15.70 -29.33 -15.02
CA LEU B 576 -16.53 -30.19 -14.18
C LEU B 576 -16.58 -31.61 -14.72
N ARG B 577 -16.75 -31.77 -16.04
CA ARG B 577 -16.64 -33.11 -16.61
C ARG B 577 -15.25 -33.71 -16.40
N GLY B 578 -14.20 -32.88 -16.47
CA GLY B 578 -12.87 -33.37 -16.17
C GLY B 578 -12.79 -33.93 -14.77
N LEU B 579 -13.47 -33.29 -13.82
CA LEU B 579 -13.61 -33.86 -12.48
C LEU B 579 -14.38 -35.18 -12.52
N THR B 580 -15.47 -35.23 -13.30
CA THR B 580 -16.25 -36.46 -13.37
C THR B 580 -15.54 -37.56 -14.14
N GLY B 581 -14.44 -37.27 -14.82
CA GLY B 581 -13.72 -38.27 -15.58
C GLY B 581 -13.07 -39.32 -14.71
#